data_4H8A
#
_entry.id   4H8A
#
_cell.length_a   162.509
_cell.length_b   162.509
_cell.length_c   60.988
_cell.angle_alpha   90.000
_cell.angle_beta   90.000
_cell.angle_gamma   90.000
#
_symmetry.space_group_name_H-M   'P 42 21 2'
#
loop_
_entity.id
_entity.type
_entity.pdbx_description
1 polymer 'Ureidoglycolate dehydrogenase'
2 non-polymer '1,4-DIHYDRONICOTINAMIDE ADENINE DINUCLEOTIDE'
3 water water
#
_entity_poly.entity_id   1
_entity_poly.type   'polypeptide(L)'
_entity_poly.pdbx_seq_one_letter_code
;GHMKISRETLHQLIENKLCQAGLKREHAATVAEVLVYADARGIHSHGAVRVEYYAERISKGGTNREPEFRLEETGPCSAI
LHADNAAGQVAAKMGMEHAIKTAQQNGVAVVGISRMGHSGAISYFVQQAARAGFIGISMCQSDPMVVPFGGAEIYYGTNP
LAFAAPGEGDEILTFDMATTVQAWGKVLDARSRNMSIPDTWAVDKNGVPTTDPFAVHALLPAAGPKGYGLMMMIDVLSGV
LLGLPFGRQVSSMYDDLHAGRNLGQLHIVINPNFFSSSELFRQHLSQTMRELNAITPAPGFNQVYYPGQDQDIKQRKAAV
EGIEIVDDIYQYLISDALY
;
_entity_poly.pdbx_strand_id   A,B
#
loop_
_chem_comp.id
_chem_comp.type
_chem_comp.name
_chem_comp.formula
NAI non-polymer '1,4-DIHYDRONICOTINAMIDE ADENINE DINUCLEOTIDE' 'C21 H29 N7 O14 P2'
#
# COMPACT_ATOMS: atom_id res chain seq x y z
N MET A 3 -18.02 -29.46 -7.16
CA MET A 3 -19.09 -28.51 -7.36
C MET A 3 -18.61 -27.27 -8.10
N LYS A 4 -18.78 -27.26 -9.42
CA LYS A 4 -18.61 -26.03 -10.19
C LYS A 4 -20.01 -25.56 -10.53
N ILE A 5 -20.30 -24.29 -10.25
CA ILE A 5 -21.58 -23.72 -10.66
C ILE A 5 -21.34 -22.41 -11.39
N SER A 6 -22.33 -21.99 -12.16
CA SER A 6 -22.24 -20.77 -12.94
C SER A 6 -22.42 -19.53 -12.07
N ARG A 7 -22.23 -18.36 -12.67
CA ARG A 7 -22.23 -17.09 -11.95
C ARG A 7 -23.63 -16.55 -11.66
N GLU A 8 -24.52 -16.65 -12.64
CA GLU A 8 -25.88 -16.16 -12.46
C GLU A 8 -26.61 -16.94 -11.37
N THR A 9 -26.30 -18.23 -11.26
CA THR A 9 -26.98 -19.11 -10.31
C THR A 9 -26.44 -18.95 -8.88
N LEU A 10 -25.11 -18.84 -8.75
CA LEU A 10 -24.51 -18.61 -7.43
C LEU A 10 -24.97 -17.27 -6.90
N HIS A 11 -25.00 -16.26 -7.77
CA HIS A 11 -25.48 -14.94 -7.41
C HIS A 11 -26.93 -14.96 -6.91
N GLN A 12 -27.79 -15.66 -7.65
CA GLN A 12 -29.20 -15.71 -7.30
C GLN A 12 -29.41 -16.37 -5.94
N LEU A 13 -28.68 -17.45 -5.70
CA LEU A 13 -28.76 -18.20 -4.46
C LEU A 13 -28.33 -17.37 -3.25
N ILE A 14 -27.18 -16.69 -3.37
CA ILE A 14 -26.70 -15.84 -2.29
C ILE A 14 -27.68 -14.71 -2.08
N GLU A 15 -28.17 -14.14 -3.17
CA GLU A 15 -29.14 -13.07 -3.10
C GLU A 15 -30.43 -13.53 -2.40
N ASN A 16 -30.88 -14.74 -2.72
CA ASN A 16 -32.08 -15.31 -2.10
C ASN A 16 -31.89 -15.52 -0.61
N LYS A 17 -30.78 -16.16 -0.25
CA LYS A 17 -30.50 -16.48 1.14
C LYS A 17 -30.35 -15.24 2.02
N LEU A 18 -29.80 -14.16 1.46
CA LEU A 18 -29.61 -12.95 2.27
C LEU A 18 -30.87 -12.10 2.37
N CYS A 19 -31.76 -12.22 1.38
CA CYS A 19 -33.04 -11.54 1.45
C CYS A 19 -33.93 -12.26 2.46
N GLN A 20 -33.77 -13.58 2.49
CA GLN A 20 -34.46 -14.45 3.45
C GLN A 20 -34.05 -14.05 4.86
N ALA A 21 -32.77 -13.80 5.06
CA ALA A 21 -32.26 -13.37 6.36
C ALA A 21 -32.82 -12.01 6.78
N GLY A 22 -33.18 -11.19 5.81
CA GLY A 22 -33.77 -9.89 6.10
C GLY A 22 -33.24 -8.68 5.36
N LEU A 23 -32.22 -8.88 4.52
CA LEU A 23 -31.70 -7.77 3.72
C LEU A 23 -32.65 -7.40 2.59
N LYS A 24 -32.66 -6.14 2.19
CA LYS A 24 -33.33 -5.74 0.96
C LYS A 24 -32.72 -6.53 -0.19
N ARG A 25 -33.52 -6.82 -1.21
CA ARG A 25 -33.04 -7.65 -2.31
C ARG A 25 -31.87 -7.01 -3.05
N GLU A 26 -31.90 -5.69 -3.20
CA GLU A 26 -30.84 -5.01 -3.95
C GLU A 26 -29.56 -4.90 -3.13
N HIS A 27 -29.67 -4.88 -1.80
CA HIS A 27 -28.48 -4.96 -0.96
C HIS A 27 -27.93 -6.36 -1.06
N ALA A 28 -28.80 -7.36 -1.00
CA ALA A 28 -28.38 -8.74 -1.11
C ALA A 28 -27.74 -9.03 -2.47
N ALA A 29 -28.20 -8.32 -3.49
CA ALA A 29 -27.67 -8.48 -4.84
C ALA A 29 -26.24 -7.97 -4.88
N THR A 30 -26.04 -6.78 -4.36
CA THR A 30 -24.69 -6.20 -4.24
C THR A 30 -23.77 -7.12 -3.45
N VAL A 31 -24.23 -7.55 -2.28
CA VAL A 31 -23.41 -8.46 -1.49
C VAL A 31 -23.08 -9.72 -2.29
N ALA A 32 -24.07 -10.25 -2.99
CA ALA A 32 -23.85 -11.42 -3.83
C ALA A 32 -22.82 -11.16 -4.94
N GLU A 33 -22.91 -9.97 -5.52
CA GLU A 33 -22.02 -9.54 -6.59
C GLU A 33 -20.56 -9.63 -6.15
N VAL A 34 -20.28 -9.06 -4.98
CA VAL A 34 -18.91 -9.03 -4.46
C VAL A 34 -18.42 -10.42 -4.02
N LEU A 35 -19.31 -11.26 -3.51
CA LEU A 35 -18.86 -12.59 -3.12
C LEU A 35 -18.57 -13.48 -4.34
N VAL A 36 -19.41 -13.45 -5.36
CA VAL A 36 -19.15 -14.26 -6.54
C VAL A 36 -17.90 -13.77 -7.28
N TYR A 37 -17.66 -12.46 -7.22
CA TYR A 37 -16.39 -11.91 -7.73
C TYR A 37 -15.19 -12.58 -7.05
N ALA A 38 -15.23 -12.64 -5.72
CA ALA A 38 -14.15 -13.26 -4.96
C ALA A 38 -13.98 -14.73 -5.34
N ASP A 39 -15.08 -15.47 -5.36
CA ASP A 39 -14.99 -16.88 -5.71
C ASP A 39 -14.44 -17.12 -7.13
N ALA A 40 -14.89 -16.31 -8.09
CA ALA A 40 -14.42 -16.44 -9.47
C ALA A 40 -12.91 -16.22 -9.61
N ARG A 41 -12.35 -15.32 -8.80
CA ARG A 41 -10.91 -15.06 -8.79
C ARG A 41 -10.14 -15.99 -7.87
N GLY A 42 -10.85 -16.88 -7.17
CA GLY A 42 -10.19 -17.83 -6.30
C GLY A 42 -9.97 -17.33 -4.88
N ILE A 43 -10.58 -16.20 -4.55
CA ILE A 43 -10.48 -15.68 -3.18
C ILE A 43 -11.64 -16.26 -2.37
N HIS A 44 -11.63 -17.58 -2.22
CA HIS A 44 -12.79 -18.28 -1.68
C HIS A 44 -13.11 -17.92 -0.23
N SER A 45 -12.09 -17.56 0.55
CA SER A 45 -12.31 -17.20 1.95
C SER A 45 -13.19 -15.95 2.13
N HIS A 46 -13.36 -15.18 1.04
CA HIS A 46 -14.25 -14.04 1.07
C HIS A 46 -15.37 -14.18 0.09
N GLY A 47 -15.65 -15.43 -0.27
CA GLY A 47 -16.73 -15.78 -1.18
C GLY A 47 -18.01 -16.28 -0.50
N ALA A 48 -18.72 -17.17 -1.18
CA ALA A 48 -20.01 -17.67 -0.69
C ALA A 48 -19.93 -18.31 0.69
N VAL A 49 -18.74 -18.71 1.11
CA VAL A 49 -18.53 -19.32 2.42
C VAL A 49 -19.01 -18.42 3.56
N ARG A 50 -19.05 -17.12 3.31
CA ARG A 50 -19.41 -16.16 4.36
C ARG A 50 -20.90 -15.94 4.50
N VAL A 51 -21.71 -16.54 3.61
CA VAL A 51 -23.13 -16.23 3.59
C VAL A 51 -23.85 -16.63 4.88
N GLU A 52 -23.53 -17.84 5.35
CA GLU A 52 -24.15 -18.39 6.56
C GLU A 52 -23.88 -17.49 7.75
N TYR A 53 -22.64 -17.01 7.85
CA TYR A 53 -22.27 -16.06 8.89
C TYR A 53 -23.02 -14.75 8.70
N TYR A 54 -23.02 -14.24 7.46
CA TYR A 54 -23.75 -13.02 7.15
C TYR A 54 -25.23 -13.14 7.51
N ALA A 55 -25.85 -14.25 7.13
CA ALA A 55 -27.28 -14.45 7.41
C ALA A 55 -27.61 -14.34 8.90
N GLU A 56 -26.80 -14.99 9.74
CA GLU A 56 -26.98 -14.93 11.18
C GLU A 56 -26.85 -13.52 11.75
N ARG A 57 -25.84 -12.78 11.28
CA ARG A 57 -25.66 -11.40 11.73
C ARG A 57 -26.77 -10.48 11.24
N ILE A 58 -27.23 -10.70 10.01
CA ILE A 58 -28.37 -9.93 9.51
C ILE A 58 -29.61 -10.32 10.33
N SER A 59 -29.78 -11.61 10.55
CA SER A 59 -30.94 -12.11 11.29
C SER A 59 -31.01 -11.49 12.69
N LYS A 60 -29.84 -11.43 13.34
CA LYS A 60 -29.76 -10.93 14.73
C LYS A 60 -29.59 -9.41 14.85
N GLY A 61 -29.48 -8.71 13.73
CA GLY A 61 -29.48 -7.26 13.73
C GLY A 61 -28.09 -6.63 13.85
N GLY A 62 -27.05 -7.46 13.79
CA GLY A 62 -25.68 -6.97 13.83
C GLY A 62 -25.29 -6.28 12.53
N THR A 63 -26.00 -6.61 11.46
CA THR A 63 -25.89 -5.90 10.19
C THR A 63 -27.20 -5.16 9.97
N ASN A 64 -27.11 -3.89 9.60
CA ASN A 64 -28.30 -3.06 9.46
C ASN A 64 -29.02 -3.32 8.15
N ARG A 65 -30.25 -3.84 8.22
CA ARG A 65 -31.03 -4.08 7.01
C ARG A 65 -31.77 -2.83 6.59
N GLU A 66 -31.81 -1.84 7.48
CA GLU A 66 -32.42 -0.55 7.18
C GLU A 66 -31.48 0.62 7.49
N PRO A 67 -30.29 0.63 6.88
CA PRO A 67 -29.33 1.67 7.24
C PRO A 67 -29.74 3.04 6.75
N GLU A 68 -29.52 4.05 7.57
CA GLU A 68 -29.69 5.43 7.15
C GLU A 68 -28.36 5.93 6.62
N PHE A 69 -28.14 5.75 5.31
CA PHE A 69 -26.90 6.24 4.69
C PHE A 69 -26.88 7.75 4.71
N ARG A 70 -25.71 8.31 5.01
CA ARG A 70 -25.53 9.74 4.86
C ARG A 70 -24.17 10.01 4.24
N LEU A 71 -24.17 10.53 3.02
CA LEU A 71 -22.93 10.90 2.37
C LEU A 71 -22.59 12.34 2.73
N GLU A 72 -21.60 12.49 3.59
CA GLU A 72 -21.13 13.77 4.01
C GLU A 72 -19.99 14.20 3.11
N GLU A 73 -20.26 15.15 2.23
CA GLU A 73 -19.20 15.74 1.42
C GLU A 73 -18.44 16.74 2.26
N THR A 74 -17.12 16.55 2.38
CA THR A 74 -16.35 17.41 3.28
C THR A 74 -15.46 18.41 2.55
N GLY A 75 -15.29 18.21 1.25
CA GLY A 75 -14.44 19.08 0.46
C GLY A 75 -14.61 18.71 -0.99
N PRO A 76 -13.91 19.41 -1.89
CA PRO A 76 -14.04 19.15 -3.32
C PRO A 76 -13.68 17.73 -3.68
N CYS A 77 -12.75 17.14 -2.91
CA CYS A 77 -12.23 15.83 -3.23
C CYS A 77 -12.27 14.87 -2.05
N SER A 78 -13.19 15.12 -1.12
CA SER A 78 -13.23 14.28 0.08
C SER A 78 -14.64 14.11 0.60
N ALA A 79 -14.91 12.94 1.16
CA ALA A 79 -16.24 12.68 1.73
C ALA A 79 -16.19 11.51 2.68
N ILE A 80 -17.25 11.37 3.47
CA ILE A 80 -17.42 10.22 4.32
C ILE A 80 -18.82 9.68 4.10
N LEU A 81 -18.91 8.42 3.70
CA LEU A 81 -20.21 7.76 3.68
C LEU A 81 -20.46 7.16 5.05
N HIS A 82 -21.39 7.76 5.79
CA HIS A 82 -21.81 7.16 7.06
C HIS A 82 -22.73 6.00 6.74
N ALA A 83 -22.32 4.80 7.13
CA ALA A 83 -22.96 3.60 6.61
C ALA A 83 -23.94 2.94 7.57
N ASP A 84 -24.01 3.47 8.80
CA ASP A 84 -24.97 2.97 9.80
C ASP A 84 -24.93 1.44 9.94
N ASN A 85 -23.73 0.85 9.83
CA ASN A 85 -23.52 -0.59 9.91
C ASN A 85 -24.29 -1.43 8.89
N ALA A 86 -24.52 -0.84 7.73
CA ALA A 86 -24.96 -1.58 6.56
C ALA A 86 -23.97 -2.69 6.22
N ALA A 87 -24.41 -3.61 5.38
CA ALA A 87 -23.52 -4.61 4.82
C ALA A 87 -22.33 -3.90 4.18
N GLY A 88 -21.13 -4.41 4.44
CA GLY A 88 -19.90 -3.81 3.95
C GLY A 88 -19.83 -3.70 2.44
N GLN A 89 -20.24 -4.76 1.75
CA GLN A 89 -20.26 -4.73 0.28
C GLN A 89 -21.12 -3.58 -0.26
N VAL A 90 -22.29 -3.37 0.36
CA VAL A 90 -23.18 -2.31 -0.05
C VAL A 90 -22.56 -0.93 0.20
N ALA A 91 -22.06 -0.70 1.41
CA ALA A 91 -21.51 0.60 1.78
C ALA A 91 -20.25 0.94 0.99
N ALA A 92 -19.35 -0.03 0.86
CA ALA A 92 -18.08 0.22 0.17
C ALA A 92 -18.31 0.54 -1.31
N LYS A 93 -19.21 -0.22 -1.95
CA LYS A 93 -19.54 0.04 -3.35
C LYS A 93 -20.16 1.42 -3.51
N MET A 94 -21.09 1.75 -2.60
CA MET A 94 -21.76 3.04 -2.64
C MET A 94 -20.74 4.16 -2.52
N GLY A 95 -19.82 4.02 -1.57
CA GLY A 95 -18.78 5.01 -1.36
C GLY A 95 -17.87 5.12 -2.57
N MET A 96 -17.61 3.99 -3.24
CA MET A 96 -16.73 4.03 -4.42
C MET A 96 -17.43 4.71 -5.58
N GLU A 97 -18.74 4.55 -5.68
CA GLU A 97 -19.48 5.28 -6.72
C GLU A 97 -19.32 6.80 -6.57
N HIS A 98 -19.38 7.27 -5.32
CA HIS A 98 -19.14 8.68 -5.06
C HIS A 98 -17.69 9.09 -5.37
N ALA A 99 -16.73 8.25 -4.99
CA ALA A 99 -15.33 8.58 -5.30
C ALA A 99 -15.10 8.72 -6.79
N ILE A 100 -15.75 7.84 -7.56
CA ILE A 100 -15.62 7.86 -9.01
C ILE A 100 -16.22 9.13 -9.60
N LYS A 101 -17.43 9.48 -9.17
CA LYS A 101 -18.06 10.74 -9.60
C LYS A 101 -17.17 11.93 -9.28
N THR A 102 -16.59 11.90 -8.09
CA THR A 102 -15.78 12.99 -7.57
C THR A 102 -14.46 13.11 -8.34
N ALA A 103 -13.83 11.97 -8.62
CA ALA A 103 -12.59 12.01 -9.40
C ALA A 103 -12.82 12.40 -10.86
N GLN A 104 -13.97 12.03 -11.42
CA GLN A 104 -14.33 12.47 -12.77
C GLN A 104 -14.39 13.98 -12.85
N GLN A 105 -15.02 14.61 -11.86
CA GLN A 105 -15.21 16.04 -11.90
C GLN A 105 -14.00 16.79 -11.40
N ASN A 106 -13.39 16.29 -10.32
CA ASN A 106 -12.36 17.06 -9.63
C ASN A 106 -10.99 16.41 -9.56
N GLY A 107 -10.84 15.26 -10.20
CA GLY A 107 -9.51 14.68 -10.44
C GLY A 107 -9.04 13.63 -9.45
N VAL A 108 -9.41 13.84 -8.19
CA VAL A 108 -8.95 13.01 -7.09
C VAL A 108 -10.12 12.85 -6.14
N ALA A 109 -10.17 11.73 -5.42
CA ALA A 109 -11.20 11.54 -4.41
C ALA A 109 -10.64 10.69 -3.28
N VAL A 110 -10.88 11.13 -2.05
CA VAL A 110 -10.53 10.35 -0.87
C VAL A 110 -11.82 10.19 -0.07
N VAL A 111 -12.34 8.96 -0.06
CA VAL A 111 -13.67 8.72 0.52
C VAL A 111 -13.62 7.64 1.60
N GLY A 112 -14.03 8.01 2.80
CA GLY A 112 -14.09 7.06 3.90
C GLY A 112 -15.43 6.37 3.95
N ILE A 113 -15.44 5.09 4.33
CA ILE A 113 -16.66 4.34 4.62
C ILE A 113 -16.69 4.21 6.15
N SER A 114 -17.65 4.87 6.79
CA SER A 114 -17.68 4.97 8.25
C SER A 114 -18.79 4.11 8.86
N ARG A 115 -18.36 3.07 9.59
CA ARG A 115 -19.25 2.14 10.31
C ARG A 115 -19.97 1.17 9.38
N MET A 116 -19.23 0.18 8.90
CA MET A 116 -19.75 -0.82 8.00
C MET A 116 -19.47 -2.23 8.51
N GLY A 117 -20.16 -3.21 7.94
CA GLY A 117 -19.81 -4.61 8.17
C GLY A 117 -18.66 -5.03 7.27
N HIS A 118 -18.27 -6.29 7.36
CA HIS A 118 -17.25 -6.89 6.51
C HIS A 118 -17.55 -6.65 5.01
N SER A 119 -16.57 -6.18 4.25
CA SER A 119 -16.81 -5.84 2.84
C SER A 119 -16.19 -6.81 1.82
N GLY A 120 -15.50 -7.84 2.31
CA GLY A 120 -15.02 -8.93 1.46
C GLY A 120 -13.73 -8.67 0.72
N ALA A 121 -13.64 -9.20 -0.50
CA ALA A 121 -12.47 -9.05 -1.35
C ALA A 121 -12.45 -7.62 -1.88
N ILE A 122 -11.62 -6.77 -1.29
CA ILE A 122 -11.76 -5.35 -1.57
C ILE A 122 -11.30 -4.90 -2.95
N SER A 123 -10.65 -5.79 -3.70
CA SER A 123 -10.29 -5.44 -5.08
C SER A 123 -11.53 -5.26 -5.94
N TYR A 124 -12.67 -5.79 -5.49
CA TYR A 124 -13.90 -5.52 -6.22
C TYR A 124 -14.09 -4.01 -6.41
N PHE A 125 -13.87 -3.25 -5.34
CA PHE A 125 -14.13 -1.83 -5.34
C PHE A 125 -13.12 -1.08 -6.21
N VAL A 126 -11.85 -1.44 -6.15
CA VAL A 126 -10.91 -0.77 -7.04
C VAL A 126 -11.14 -1.09 -8.51
N GLN A 127 -11.67 -2.28 -8.81
CA GLN A 127 -12.07 -2.57 -10.19
C GLN A 127 -13.18 -1.63 -10.70
N GLN A 128 -14.10 -1.21 -9.82
CA GLN A 128 -15.09 -0.20 -10.21
C GLN A 128 -14.40 1.02 -10.79
N ALA A 129 -13.41 1.51 -10.05
CA ALA A 129 -12.68 2.70 -10.48
C ALA A 129 -11.99 2.46 -11.81
N ALA A 130 -11.30 1.32 -11.95
CA ALA A 130 -10.58 1.05 -13.19
C ALA A 130 -11.52 0.93 -14.39
N ARG A 131 -12.71 0.37 -14.19
CA ARG A 131 -13.65 0.25 -15.30
C ARG A 131 -14.14 1.63 -15.74
N ALA A 132 -14.07 2.59 -14.84
CA ALA A 132 -14.44 3.97 -15.15
C ALA A 132 -13.26 4.75 -15.74
N GLY A 133 -12.12 4.07 -15.88
CA GLY A 133 -10.93 4.65 -16.48
C GLY A 133 -9.96 5.25 -15.47
N PHE A 134 -10.22 5.03 -14.19
CA PHE A 134 -9.41 5.67 -13.13
C PHE A 134 -8.54 4.69 -12.37
N ILE A 135 -7.54 5.21 -11.69
CA ILE A 135 -6.78 4.41 -10.74
C ILE A 135 -7.58 4.31 -9.44
N GLY A 136 -7.70 3.09 -8.91
CA GLY A 136 -8.38 2.89 -7.64
C GLY A 136 -7.45 2.28 -6.61
N ILE A 137 -7.47 2.84 -5.39
CA ILE A 137 -6.81 2.27 -4.22
C ILE A 137 -7.85 2.10 -3.12
N SER A 138 -7.80 0.98 -2.40
CA SER A 138 -8.70 0.83 -1.26
C SER A 138 -8.01 0.04 -0.17
N MET A 139 -8.51 0.18 1.05
CA MET A 139 -7.92 -0.49 2.20
C MET A 139 -8.93 -0.48 3.32
N CYS A 140 -8.85 -1.46 4.21
CA CYS A 140 -9.81 -1.46 5.32
C CYS A 140 -9.27 -2.14 6.55
N GLN A 141 -9.93 -1.84 7.67
CA GLN A 141 -9.61 -2.49 8.94
C GLN A 141 -10.16 -3.90 8.97
N SER A 142 -9.55 -4.76 9.77
CA SER A 142 -10.07 -6.10 9.96
C SER A 142 -9.91 -6.56 11.42
N ASP A 143 -10.59 -7.64 11.78
CA ASP A 143 -10.53 -8.22 13.14
C ASP A 143 -9.11 -8.30 13.71
N PRO A 144 -8.89 -7.80 14.94
CA PRO A 144 -7.54 -7.95 15.48
C PRO A 144 -7.09 -9.41 15.49
N MET A 145 -5.94 -9.67 14.87
CA MET A 145 -5.46 -11.03 14.65
C MET A 145 -3.95 -11.15 14.50
N VAL A 146 -3.23 -10.03 14.54
CA VAL A 146 -1.83 -10.04 14.11
C VAL A 146 -0.97 -9.45 15.21
N VAL A 147 0.19 -10.06 15.47
CA VAL A 147 1.16 -9.46 16.36
C VAL A 147 1.92 -8.34 15.64
N PRO A 148 2.23 -7.26 16.36
CA PRO A 148 3.21 -6.30 15.88
C PRO A 148 4.51 -7.02 15.59
N PHE A 149 5.36 -6.46 14.74
CA PHE A 149 6.68 -7.05 14.57
C PHE A 149 7.38 -7.06 15.91
N GLY A 150 7.86 -8.25 16.29
CA GLY A 150 8.55 -8.42 17.56
C GLY A 150 7.63 -8.70 18.74
N GLY A 151 6.33 -8.73 18.50
CA GLY A 151 5.37 -8.84 19.58
C GLY A 151 4.69 -10.18 19.77
N ALA A 152 3.97 -10.30 20.89
CA ALA A 152 3.34 -11.56 21.26
C ALA A 152 1.89 -11.35 21.66
N GLU A 153 1.38 -10.16 21.39
CA GLU A 153 -0.03 -9.84 21.62
C GLU A 153 -0.62 -9.28 20.33
N ILE A 154 -1.90 -9.54 20.14
CA ILE A 154 -2.64 -9.08 18.97
C ILE A 154 -2.92 -7.57 19.02
N TYR A 155 -2.83 -6.90 17.87
CA TYR A 155 -3.22 -5.50 17.79
C TYR A 155 -4.01 -5.25 16.49
N TYR A 156 -3.33 -5.29 15.34
CA TYR A 156 -4.01 -5.03 14.07
C TYR A 156 -4.64 -6.29 13.47
N GLY A 157 -5.47 -6.08 12.44
CA GLY A 157 -6.01 -7.16 11.65
C GLY A 157 -5.25 -7.40 10.35
N THR A 158 -5.81 -8.27 9.51
CA THR A 158 -5.14 -8.65 8.26
C THR A 158 -5.25 -7.54 7.21
N ASN A 159 -5.92 -6.46 7.59
CA ASN A 159 -5.85 -5.14 6.96
C ASN A 159 -5.33 -5.12 5.52
N PRO A 160 -6.25 -5.34 4.57
CA PRO A 160 -5.85 -5.48 3.16
C PRO A 160 -5.69 -4.15 2.42
N LEU A 161 -4.90 -4.23 1.34
CA LEU A 161 -4.67 -3.12 0.42
C LEU A 161 -4.95 -3.62 -0.98
N ALA A 162 -5.70 -2.85 -1.76
CA ALA A 162 -5.97 -3.21 -3.15
C ALA A 162 -5.75 -2.05 -4.09
N PHE A 163 -5.40 -2.39 -5.33
CA PHE A 163 -5.09 -1.39 -6.36
C PHE A 163 -5.59 -1.91 -7.71
N ALA A 164 -6.09 -1.01 -8.56
CA ALA A 164 -6.35 -1.36 -9.94
C ALA A 164 -6.13 -0.16 -10.84
N ALA A 165 -5.65 -0.42 -12.04
CA ALA A 165 -5.49 0.63 -13.06
C ALA A 165 -5.90 0.09 -14.42
N PRO A 166 -6.49 0.94 -15.26
CA PRO A 166 -6.94 0.45 -16.57
C PRO A 166 -5.81 0.36 -17.60
N GLY A 167 -5.86 -0.71 -18.40
CA GLY A 167 -5.07 -0.78 -19.61
C GLY A 167 -5.97 -0.44 -20.80
N GLU A 168 -5.53 -0.77 -22.01
CA GLU A 168 -6.36 -0.54 -23.20
C GLU A 168 -7.62 -1.39 -23.19
N GLY A 169 -8.70 -0.86 -23.78
CA GLY A 169 -9.92 -1.62 -23.88
C GLY A 169 -10.46 -2.06 -22.54
N ASP A 170 -10.72 -3.37 -22.39
CA ASP A 170 -11.28 -3.91 -21.14
C ASP A 170 -10.18 -4.40 -20.18
N GLU A 171 -8.92 -4.16 -20.51
CA GLU A 171 -7.84 -4.64 -19.66
C GLU A 171 -7.78 -3.89 -18.34
N ILE A 172 -7.58 -4.60 -17.24
CA ILE A 172 -7.38 -3.99 -15.94
C ILE A 172 -6.26 -4.74 -15.26
N LEU A 173 -5.35 -3.99 -14.62
CA LEU A 173 -4.33 -4.59 -13.76
C LEU A 173 -4.81 -4.44 -12.32
N THR A 174 -5.03 -5.58 -11.66
CA THR A 174 -5.61 -5.63 -10.31
C THR A 174 -4.64 -6.31 -9.35
N PHE A 175 -4.38 -5.66 -8.22
CA PHE A 175 -3.49 -6.20 -7.18
C PHE A 175 -4.23 -6.09 -5.84
N ASP A 176 -4.18 -7.15 -5.01
CA ASP A 176 -5.01 -7.19 -3.79
C ASP A 176 -4.34 -8.09 -2.75
N MET A 177 -3.89 -7.52 -1.63
CA MET A 177 -3.13 -8.30 -0.64
C MET A 177 -3.56 -8.07 0.81
N ALA A 178 -3.54 -9.14 1.61
CA ALA A 178 -3.57 -9.00 3.06
C ALA A 178 -2.19 -8.55 3.47
N THR A 179 -2.09 -7.87 4.61
CA THR A 179 -0.79 -7.40 5.09
C THR A 179 -0.06 -8.39 6.00
N THR A 180 -0.70 -9.56 6.17
CA THR A 180 -0.04 -10.67 6.87
C THR A 180 0.71 -11.56 5.88
N VAL A 181 1.53 -12.47 6.40
CA VAL A 181 2.26 -13.40 5.56
C VAL A 181 1.27 -14.19 4.73
N GLN A 182 0.22 -14.66 5.39
CA GLN A 182 -0.84 -15.40 4.74
C GLN A 182 -2.17 -14.92 5.31
N ALA A 183 -3.23 -14.99 4.52
CA ALA A 183 -4.57 -14.68 5.02
C ALA A 183 -5.01 -15.72 6.03
N TRP A 184 -5.95 -15.36 6.91
CA TRP A 184 -6.42 -16.25 7.96
C TRP A 184 -7.06 -17.53 7.42
N GLY A 185 -7.69 -17.44 6.25
CA GLY A 185 -8.33 -18.59 5.62
C GLY A 185 -7.39 -19.74 5.35
N LYS A 186 -6.09 -19.46 5.25
CA LYS A 186 -5.09 -20.51 5.01
C LYS A 186 -4.80 -21.29 6.28
N VAL A 187 -4.96 -20.63 7.43
CA VAL A 187 -4.88 -21.33 8.71
C VAL A 187 -6.13 -22.17 8.88
N LEU A 188 -7.27 -21.59 8.49
CA LEU A 188 -8.55 -22.31 8.53
C LEU A 188 -8.56 -23.53 7.61
N ASP A 189 -7.98 -23.39 6.42
CA ASP A 189 -7.89 -24.49 5.47
C ASP A 189 -7.03 -25.62 6.02
N ALA A 190 -5.98 -25.25 6.74
CA ALA A 190 -5.11 -26.24 7.37
C ALA A 190 -5.82 -26.95 8.51
N ARG A 191 -6.76 -26.25 9.14
CA ARG A 191 -7.57 -26.82 10.21
C ARG A 191 -8.56 -27.84 9.66
N SER A 192 -9.09 -27.56 8.46
CA SER A 192 -10.04 -28.47 7.82
C SER A 192 -9.34 -29.73 7.33
N ARG A 193 -8.07 -29.60 6.96
CA ARG A 193 -7.32 -30.69 6.36
C ARG A 193 -6.41 -31.46 7.31
N ASN A 194 -6.27 -30.95 8.53
CA ASN A 194 -5.36 -31.53 9.53
C ASN A 194 -3.96 -31.73 8.95
N MET A 195 -3.17 -30.66 8.99
CA MET A 195 -1.97 -30.57 8.18
C MET A 195 -1.00 -29.55 8.75
N SER A 196 0.29 -29.85 8.66
CA SER A 196 1.32 -28.92 9.14
C SER A 196 1.39 -27.66 8.28
N ILE A 197 1.40 -26.51 8.94
CA ILE A 197 1.63 -25.25 8.25
C ILE A 197 3.09 -24.83 8.41
N PRO A 198 3.60 -24.08 7.44
CA PRO A 198 4.94 -23.50 7.57
C PRO A 198 5.02 -22.61 8.82
N ASP A 199 6.21 -22.50 9.40
CA ASP A 199 6.36 -21.78 10.67
C ASP A 199 6.44 -20.27 10.48
N THR A 200 6.19 -19.80 9.25
CA THR A 200 6.35 -18.38 8.92
C THR A 200 5.02 -17.63 8.95
N TRP A 201 3.93 -18.37 9.02
CA TRP A 201 2.60 -17.78 8.96
C TRP A 201 2.15 -17.20 10.28
N ALA A 202 2.44 -17.90 11.35
CA ALA A 202 1.68 -17.69 12.58
C ALA A 202 2.43 -18.04 13.86
N VAL A 203 1.84 -17.63 14.97
CA VAL A 203 2.54 -17.61 16.24
C VAL A 203 1.60 -18.21 17.30
N ASP A 204 2.15 -18.83 18.35
CA ASP A 204 1.28 -19.32 19.42
C ASP A 204 0.99 -18.22 20.43
N LYS A 205 0.31 -18.58 21.51
CA LYS A 205 -0.04 -17.60 22.55
C LYS A 205 1.17 -16.92 23.20
N ASN A 206 2.36 -17.49 23.03
CA ASN A 206 3.57 -16.90 23.60
C ASN A 206 4.37 -16.09 22.59
N GLY A 207 3.88 -16.04 21.35
CA GLY A 207 4.59 -15.31 20.31
C GLY A 207 5.66 -16.15 19.66
N VAL A 208 5.65 -17.45 19.91
CA VAL A 208 6.57 -18.39 19.29
C VAL A 208 5.92 -18.96 18.03
N PRO A 209 6.62 -18.87 16.90
CA PRO A 209 6.09 -19.43 15.64
C PRO A 209 5.71 -20.90 15.78
N THR A 210 4.58 -21.30 15.20
CA THR A 210 4.10 -22.68 15.33
C THR A 210 3.75 -23.32 13.99
N THR A 211 4.00 -24.62 13.88
CA THR A 211 3.71 -25.37 12.66
C THR A 211 2.38 -26.08 12.77
N ASP A 212 1.71 -25.89 13.91
CA ASP A 212 0.43 -26.54 14.18
C ASP A 212 -0.70 -25.50 14.11
N PRO A 213 -1.58 -25.64 13.10
CA PRO A 213 -2.64 -24.65 12.86
C PRO A 213 -3.66 -24.53 13.99
N PHE A 214 -3.71 -25.53 14.87
CA PHE A 214 -4.62 -25.49 16.00
C PHE A 214 -3.98 -24.79 17.20
N ALA A 215 -2.67 -24.57 17.12
CA ALA A 215 -1.92 -23.90 18.17
C ALA A 215 -1.79 -22.39 17.90
N VAL A 216 -2.25 -21.97 16.74
CA VAL A 216 -2.15 -20.55 16.33
C VAL A 216 -2.96 -19.63 17.23
N HIS A 217 -2.32 -18.56 17.71
CA HIS A 217 -3.03 -17.53 18.46
C HIS A 217 -3.17 -16.25 17.62
N ALA A 218 -2.15 -15.97 16.81
CA ALA A 218 -2.11 -14.77 15.97
C ALA A 218 -1.27 -14.98 14.72
N LEU A 219 -1.53 -14.17 13.70
CA LEU A 219 -0.77 -14.20 12.46
C LEU A 219 0.46 -13.29 12.55
N LEU A 220 1.44 -13.54 11.69
CA LEU A 220 2.63 -12.71 11.57
C LEU A 220 2.47 -11.70 10.42
N PRO A 221 3.05 -10.50 10.56
CA PRO A 221 2.94 -9.56 9.43
C PRO A 221 3.82 -9.97 8.26
N ALA A 222 3.35 -9.71 7.03
CA ALA A 222 4.19 -9.95 5.84
C ALA A 222 5.50 -9.17 5.95
N ALA A 223 6.62 -9.82 5.64
CA ALA A 223 7.92 -9.12 5.58
C ALA A 223 8.24 -8.37 6.88
N GLY A 224 7.91 -8.97 8.02
CA GLY A 224 8.31 -8.43 9.29
C GLY A 224 7.83 -7.02 9.53
N PRO A 225 8.77 -6.09 9.75
CA PRO A 225 8.38 -4.71 10.06
C PRO A 225 7.63 -4.03 8.92
N LYS A 226 7.77 -4.52 7.70
CA LYS A 226 7.14 -3.83 6.57
C LYS A 226 5.63 -4.03 6.54
N GLY A 227 5.19 -5.28 6.63
CA GLY A 227 3.75 -5.56 6.76
C GLY A 227 3.17 -4.90 8.00
N TYR A 228 3.94 -4.89 9.09
CA TYR A 228 3.55 -4.21 10.32
C TYR A 228 3.25 -2.74 10.07
N GLY A 229 4.17 -2.06 9.40
CA GLY A 229 3.96 -0.67 9.04
C GLY A 229 2.77 -0.50 8.10
N LEU A 230 2.62 -1.39 7.13
CA LEU A 230 1.49 -1.30 6.19
C LEU A 230 0.13 -1.43 6.88
N MET A 231 0.00 -2.39 7.80
CA MET A 231 -1.29 -2.54 8.47
C MET A 231 -1.57 -1.38 9.43
N MET A 232 -0.51 -0.84 10.06
CA MET A 232 -0.64 0.38 10.83
C MET A 232 -1.18 1.51 9.94
N MET A 233 -0.58 1.67 8.76
CA MET A 233 -0.96 2.74 7.84
C MET A 233 -2.43 2.62 7.50
N ILE A 234 -2.85 1.40 7.23
CA ILE A 234 -4.24 1.12 6.87
C ILE A 234 -5.21 1.37 8.03
N ASP A 235 -4.83 0.99 9.24
CA ASP A 235 -5.64 1.32 10.41
C ASP A 235 -5.75 2.82 10.62
N VAL A 236 -4.66 3.55 10.41
CA VAL A 236 -4.69 5.00 10.57
C VAL A 236 -5.51 5.68 9.48
N LEU A 237 -5.40 5.18 8.25
CA LEU A 237 -6.10 5.79 7.11
C LEU A 237 -7.59 5.46 7.06
N SER A 238 -7.94 4.23 7.43
CA SER A 238 -9.34 3.80 7.34
C SER A 238 -10.03 3.79 8.69
N GLY A 239 -9.28 3.99 9.78
CA GLY A 239 -9.87 3.91 11.11
C GLY A 239 -9.70 5.19 11.91
N VAL A 240 -8.46 5.48 12.31
CA VAL A 240 -8.17 6.67 13.10
C VAL A 240 -8.62 7.94 12.37
N LEU A 241 -8.34 8.03 11.07
CA LEU A 241 -8.72 9.20 10.29
C LEU A 241 -10.24 9.44 10.33
N LEU A 242 -11.01 8.36 10.40
CA LEU A 242 -12.47 8.47 10.39
C LEU A 242 -13.08 8.55 11.78
N GLY A 243 -12.23 8.62 12.81
CA GLY A 243 -12.73 8.68 14.18
C GLY A 243 -13.38 7.40 14.67
N LEU A 244 -12.94 6.27 14.14
CA LEU A 244 -13.49 4.96 14.47
C LEU A 244 -12.63 4.23 15.50
N PRO A 245 -13.15 3.13 16.08
CA PRO A 245 -12.26 2.32 16.90
C PRO A 245 -11.05 1.86 16.08
N PHE A 246 -9.89 1.74 16.71
CA PHE A 246 -8.68 1.46 15.94
C PHE A 246 -7.83 0.42 16.64
N GLY A 247 -6.95 -0.22 15.87
CA GLY A 247 -6.06 -1.22 16.41
C GLY A 247 -6.80 -2.34 17.12
N ARG A 248 -6.45 -2.57 18.39
CA ARG A 248 -7.02 -3.67 19.15
C ARG A 248 -8.47 -3.43 19.53
N GLN A 249 -8.93 -2.18 19.37
CA GLN A 249 -10.32 -1.83 19.67
C GLN A 249 -11.29 -2.33 18.60
N VAL A 250 -10.79 -2.62 17.41
CA VAL A 250 -11.64 -3.05 16.30
C VAL A 250 -12.40 -4.31 16.68
N SER A 251 -13.67 -4.40 16.32
CA SER A 251 -14.49 -5.56 16.69
C SER A 251 -14.03 -6.84 16.01
N SER A 252 -14.36 -7.97 16.62
CA SER A 252 -14.07 -9.26 16.02
C SER A 252 -15.39 -9.84 15.52
N MET A 253 -15.30 -10.73 14.53
CA MET A 253 -16.51 -11.25 13.88
C MET A 253 -17.49 -11.92 14.82
N TYR A 254 -16.99 -12.57 15.86
CA TYR A 254 -17.89 -13.32 16.74
C TYR A 254 -18.03 -12.70 18.13
N ASP A 255 -17.63 -11.42 18.25
CA ASP A 255 -17.81 -10.67 19.49
C ASP A 255 -19.29 -10.65 19.87
N ASP A 256 -20.10 -10.02 19.01
CA ASP A 256 -21.52 -9.82 19.28
C ASP A 256 -22.25 -9.80 17.94
N LEU A 257 -22.93 -10.90 17.63
CA LEU A 257 -23.68 -11.01 16.38
C LEU A 257 -24.85 -10.04 16.29
N HIS A 258 -25.23 -9.45 17.41
CA HIS A 258 -26.35 -8.52 17.46
C HIS A 258 -25.87 -7.09 17.34
N ALA A 259 -24.56 -6.91 17.24
CA ALA A 259 -24.01 -5.56 17.23
C ALA A 259 -23.26 -5.24 15.95
N GLY A 260 -23.39 -3.99 15.51
CA GLY A 260 -22.70 -3.49 14.34
C GLY A 260 -21.19 -3.58 14.50
N ARG A 261 -20.50 -3.92 13.43
CA ARG A 261 -19.05 -4.09 13.44
C ARG A 261 -18.30 -2.77 13.60
N ASN A 262 -18.89 -1.70 13.07
CA ASN A 262 -18.29 -0.37 13.10
C ASN A 262 -16.94 -0.28 12.41
N LEU A 263 -16.75 -1.06 11.34
CA LEU A 263 -15.47 -1.04 10.61
C LEU A 263 -15.31 0.19 9.74
N GLY A 264 -14.07 0.50 9.40
CA GLY A 264 -13.79 1.56 8.43
C GLY A 264 -13.05 1.06 7.20
N GLN A 265 -13.25 1.76 6.08
CA GLN A 265 -12.56 1.48 4.83
C GLN A 265 -12.26 2.85 4.19
N LEU A 266 -11.16 2.95 3.45
CA LEU A 266 -10.84 4.20 2.75
C LEU A 266 -10.60 3.91 1.28
N HIS A 267 -11.26 4.68 0.42
CA HIS A 267 -11.01 4.66 -1.02
C HIS A 267 -10.19 5.88 -1.43
N ILE A 268 -9.25 5.69 -2.33
CA ILE A 268 -8.56 6.81 -2.99
C ILE A 268 -8.63 6.59 -4.49
N VAL A 269 -9.16 7.57 -5.23
CA VAL A 269 -9.32 7.43 -6.66
C VAL A 269 -8.61 8.57 -7.38
N ILE A 270 -7.86 8.21 -8.43
CA ILE A 270 -7.10 9.21 -9.19
C ILE A 270 -7.44 9.12 -10.66
N ASN A 271 -7.83 10.26 -11.23
CA ASN A 271 -8.20 10.36 -12.65
C ASN A 271 -6.93 10.69 -13.47
N PRO A 272 -6.48 9.75 -14.31
CA PRO A 272 -5.24 10.00 -15.07
C PRO A 272 -5.34 11.23 -15.98
N ASN A 273 -6.56 11.60 -16.37
CA ASN A 273 -6.74 12.79 -17.21
C ASN A 273 -6.32 14.08 -16.56
N PHE A 274 -6.16 14.08 -15.24
CA PHE A 274 -5.74 15.28 -14.52
C PHE A 274 -4.23 15.38 -14.43
N PHE A 275 -3.53 14.41 -15.03
CA PHE A 275 -2.07 14.37 -14.95
C PHE A 275 -1.36 14.26 -16.29
N SER A 276 -1.92 13.52 -17.23
CA SER A 276 -1.24 13.28 -18.51
C SER A 276 -2.23 12.66 -19.51
N SER A 277 -1.74 12.29 -20.70
CA SER A 277 -2.55 11.63 -21.72
C SER A 277 -3.12 10.32 -21.18
N SER A 278 -4.44 10.21 -21.01
CA SER A 278 -5.00 8.95 -20.51
C SER A 278 -4.87 7.83 -21.52
N GLU A 279 -4.88 8.16 -22.80
CA GLU A 279 -4.64 7.10 -23.80
C GLU A 279 -3.25 6.50 -23.65
N LEU A 280 -2.25 7.36 -23.48
CA LEU A 280 -0.89 6.86 -23.31
C LEU A 280 -0.78 6.10 -21.99
N PHE A 281 -1.47 6.58 -20.96
CA PHE A 281 -1.47 5.87 -19.67
C PHE A 281 -1.95 4.42 -19.84
N ARG A 282 -3.07 4.25 -20.52
CA ARG A 282 -3.66 2.91 -20.70
C ARG A 282 -2.78 2.03 -21.59
N GLN A 283 -2.20 2.63 -22.62
CA GLN A 283 -1.25 1.89 -23.45
C GLN A 283 -0.07 1.41 -22.63
N HIS A 284 0.37 2.26 -21.70
CA HIS A 284 1.53 1.93 -20.87
C HIS A 284 1.20 0.85 -19.83
N LEU A 285 -0.03 0.82 -19.35
CA LEU A 285 -0.44 -0.27 -18.45
C LEU A 285 -0.49 -1.59 -19.21
N SER A 286 -1.03 -1.56 -20.42
CA SER A 286 -1.07 -2.77 -21.26
C SER A 286 0.33 -3.21 -21.65
N GLN A 287 1.22 -2.25 -21.91
CA GLN A 287 2.62 -2.56 -22.20
C GLN A 287 3.30 -3.21 -20.99
N THR A 288 3.02 -2.68 -19.80
CA THR A 288 3.55 -3.24 -18.56
C THR A 288 3.15 -4.71 -18.44
N MET A 289 1.87 -4.99 -18.65
CA MET A 289 1.34 -6.34 -18.55
C MET A 289 2.00 -7.28 -19.56
N ARG A 290 2.14 -6.84 -20.80
CA ARG A 290 2.81 -7.66 -21.82
C ARG A 290 4.27 -7.92 -21.53
N GLU A 291 5.00 -6.88 -21.14
CA GLU A 291 6.43 -6.98 -20.92
C GLU A 291 6.74 -7.88 -19.73
N LEU A 292 6.00 -7.73 -18.64
CA LEU A 292 6.22 -8.57 -17.46
C LEU A 292 5.98 -10.04 -17.79
N ASN A 293 4.91 -10.31 -18.54
CA ASN A 293 4.54 -11.68 -18.92
C ASN A 293 5.58 -12.34 -19.83
N ALA A 294 6.40 -11.51 -20.48
CA ALA A 294 7.43 -11.96 -21.41
C ALA A 294 8.81 -12.14 -20.78
N ILE A 295 8.96 -11.76 -19.52
CA ILE A 295 10.23 -11.87 -18.81
C ILE A 295 10.66 -13.35 -18.73
N THR A 296 11.94 -13.62 -18.92
CA THR A 296 12.51 -14.97 -18.75
C THR A 296 12.26 -15.48 -17.34
N PRO A 297 11.52 -16.59 -17.21
CA PRO A 297 11.23 -17.17 -15.89
C PRO A 297 12.47 -17.77 -15.22
N ALA A 298 12.51 -17.72 -13.89
CA ALA A 298 13.52 -18.40 -13.11
C ALA A 298 13.26 -19.90 -13.21
N PRO A 299 14.29 -20.73 -12.96
CA PRO A 299 14.09 -22.18 -12.99
C PRO A 299 13.01 -22.60 -12.00
N GLY A 300 12.11 -23.48 -12.43
CA GLY A 300 11.01 -23.91 -11.59
C GLY A 300 9.71 -23.30 -12.02
N PHE A 301 9.75 -22.04 -12.43
CA PHE A 301 8.57 -21.35 -12.91
C PHE A 301 8.40 -21.57 -14.41
N ASN A 302 7.16 -21.81 -14.82
CA ASN A 302 6.87 -21.99 -16.24
C ASN A 302 6.69 -20.65 -16.95
N GLN A 303 6.48 -19.59 -16.16
CA GLN A 303 6.04 -18.33 -16.69
C GLN A 303 6.18 -17.25 -15.61
N VAL A 304 6.33 -16.01 -16.05
CA VAL A 304 6.23 -14.86 -15.16
C VAL A 304 4.87 -14.23 -15.42
N TYR A 305 4.12 -14.00 -14.34
CA TYR A 305 2.81 -13.36 -14.42
C TYR A 305 2.98 -11.88 -14.10
N TYR A 306 2.18 -11.01 -14.72
CA TYR A 306 2.11 -9.64 -14.19
C TYR A 306 1.28 -9.71 -12.89
N PRO A 307 1.42 -8.71 -12.00
CA PRO A 307 0.68 -8.84 -10.72
C PRO A 307 -0.82 -9.02 -10.88
N GLY A 308 -1.37 -10.02 -10.20
CA GLY A 308 -2.80 -10.27 -10.26
C GLY A 308 -3.20 -11.17 -11.41
N GLN A 309 -2.25 -11.49 -12.30
CA GLN A 309 -2.58 -12.25 -13.50
C GLN A 309 -3.06 -13.65 -13.15
N ASP A 310 -2.56 -14.19 -12.05
CA ASP A 310 -2.99 -15.50 -11.60
C ASP A 310 -4.50 -15.53 -11.36
N GLN A 311 -5.01 -14.47 -10.74
CA GLN A 311 -6.43 -14.35 -10.49
C GLN A 311 -7.22 -13.98 -11.73
N ASP A 312 -6.63 -13.20 -12.64
CA ASP A 312 -7.34 -12.89 -13.88
C ASP A 312 -7.57 -14.18 -14.67
N ILE A 313 -6.56 -15.04 -14.68
CA ILE A 313 -6.65 -16.34 -15.35
C ILE A 313 -7.75 -17.21 -14.73
N LYS A 314 -7.76 -17.33 -13.40
CA LYS A 314 -8.83 -18.07 -12.72
C LYS A 314 -10.21 -17.52 -13.06
N GLN A 315 -10.33 -16.20 -13.07
CA GLN A 315 -11.59 -15.52 -13.36
C GLN A 315 -12.05 -15.78 -14.79
N ARG A 316 -11.10 -15.80 -15.72
CA ARG A 316 -11.37 -16.09 -17.13
C ARG A 316 -11.84 -17.54 -17.28
N LYS A 317 -11.22 -18.44 -16.52
CA LYS A 317 -11.61 -19.85 -16.55
C LYS A 317 -12.98 -20.05 -15.91
N ALA A 318 -13.30 -19.21 -14.92
CA ALA A 318 -14.59 -19.27 -14.24
C ALA A 318 -15.75 -18.95 -15.18
N ALA A 319 -15.54 -18.02 -16.09
CA ALA A 319 -16.59 -17.63 -17.03
C ALA A 319 -16.92 -18.76 -18.01
N VAL A 320 -15.94 -19.63 -18.24
CA VAL A 320 -16.12 -20.76 -19.15
C VAL A 320 -16.62 -22.00 -18.40
N GLU A 321 -15.78 -22.53 -17.51
CA GLU A 321 -16.07 -23.78 -16.83
C GLU A 321 -16.99 -23.64 -15.62
N GLY A 322 -17.12 -22.43 -15.08
CA GLY A 322 -17.95 -22.20 -13.91
C GLY A 322 -17.15 -21.98 -12.65
N ILE A 323 -17.79 -21.36 -11.65
CA ILE A 323 -17.14 -21.06 -10.37
C ILE A 323 -17.17 -22.27 -9.44
N GLU A 324 -16.03 -22.59 -8.85
CA GLU A 324 -15.98 -23.64 -7.85
C GLU A 324 -16.34 -23.10 -6.46
N ILE A 325 -17.26 -23.79 -5.79
CA ILE A 325 -17.46 -23.60 -4.35
C ILE A 325 -17.49 -24.96 -3.68
N VAL A 326 -17.33 -24.97 -2.36
CA VAL A 326 -17.47 -26.20 -1.59
C VAL A 326 -18.95 -26.60 -1.56
N ASP A 327 -19.22 -27.89 -1.82
CA ASP A 327 -20.58 -28.42 -1.97
C ASP A 327 -21.50 -28.08 -0.81
N ASP A 328 -20.95 -28.08 0.41
CA ASP A 328 -21.74 -27.84 1.61
C ASP A 328 -22.34 -26.44 1.63
N ILE A 329 -21.68 -25.49 0.97
CA ILE A 329 -22.21 -24.15 0.86
C ILE A 329 -23.44 -24.14 -0.05
N TYR A 330 -23.35 -24.88 -1.15
CA TYR A 330 -24.49 -25.01 -2.06
C TYR A 330 -25.69 -25.58 -1.31
N GLN A 331 -25.46 -26.66 -0.58
CA GLN A 331 -26.52 -27.32 0.17
C GLN A 331 -27.16 -26.39 1.20
N TYR A 332 -26.36 -25.49 1.77
CA TYR A 332 -26.88 -24.47 2.66
C TYR A 332 -27.74 -23.46 1.91
N LEU A 333 -27.28 -23.08 0.72
CA LEU A 333 -27.94 -22.03 -0.07
C LEU A 333 -29.32 -22.43 -0.61
N ILE A 334 -29.49 -23.69 -0.99
CA ILE A 334 -30.78 -24.15 -1.48
C ILE A 334 -31.69 -24.64 -0.36
N SER A 335 -31.22 -24.52 0.88
CA SER A 335 -32.01 -24.91 2.04
C SER A 335 -32.93 -23.79 2.48
N ASP A 336 -33.79 -24.10 3.45
CA ASP A 336 -34.61 -23.07 4.09
C ASP A 336 -33.94 -22.66 5.39
N ALA A 337 -32.84 -23.37 5.71
CA ALA A 337 -32.06 -23.12 6.91
C ALA A 337 -31.21 -21.86 6.76
N LEU A 338 -31.27 -20.98 7.77
CA LEU A 338 -30.47 -19.76 7.76
C LEU A 338 -29.12 -19.95 8.43
N TYR A 339 -29.14 -20.58 9.60
CA TYR A 339 -27.93 -20.90 10.34
C TYR A 339 -28.21 -21.94 11.41
N ILE B 5 30.70 16.47 15.66
CA ILE B 5 30.06 16.82 14.40
C ILE B 5 28.58 17.11 14.59
N SER B 6 28.25 18.39 14.73
CA SER B 6 26.84 18.78 14.93
C SER B 6 26.05 18.75 13.63
N ARG B 7 24.73 18.70 13.74
CA ARG B 7 23.86 18.73 12.57
C ARG B 7 24.11 20.00 11.75
N GLU B 8 24.44 21.09 12.44
CA GLU B 8 24.73 22.37 11.79
C GLU B 8 26.09 22.34 11.07
N THR B 9 27.02 21.57 11.63
CA THR B 9 28.33 21.31 11.01
C THR B 9 28.22 20.80 9.59
N LEU B 10 27.59 19.65 9.43
CA LEU B 10 27.57 18.96 8.14
C LEU B 10 26.73 19.68 7.12
N HIS B 11 25.60 20.22 7.58
CA HIS B 11 24.76 21.06 6.75
C HIS B 11 25.63 22.11 6.06
N GLN B 12 26.33 22.92 6.86
CA GLN B 12 27.23 23.94 6.31
C GLN B 12 28.33 23.32 5.44
N LEU B 13 28.86 22.17 5.86
CA LEU B 13 29.87 21.47 5.07
C LEU B 13 29.34 21.03 3.72
N ILE B 14 28.17 20.39 3.74
CA ILE B 14 27.54 19.90 2.51
C ILE B 14 27.03 21.07 1.68
N GLU B 15 26.44 22.06 2.33
CA GLU B 15 25.95 23.25 1.64
C GLU B 15 27.08 23.92 0.90
N ASN B 16 28.25 24.03 1.54
CA ASN B 16 29.43 24.62 0.92
C ASN B 16 29.90 23.84 -0.30
N LYS B 17 30.15 22.55 -0.13
CA LYS B 17 30.68 21.70 -1.21
C LYS B 17 29.76 21.68 -2.43
N LEU B 18 28.46 21.53 -2.18
CA LEU B 18 27.49 21.46 -3.27
C LEU B 18 27.33 22.82 -3.94
N CYS B 19 27.46 23.89 -3.16
CA CYS B 19 27.34 25.22 -3.71
C CYS B 19 28.57 25.49 -4.58
N GLN B 20 29.71 25.00 -4.12
CA GLN B 20 30.94 25.09 -4.91
C GLN B 20 30.79 24.25 -6.18
N ALA B 21 29.96 23.22 -6.08
CA ALA B 21 29.82 22.25 -7.16
C ALA B 21 28.94 22.76 -8.30
N GLY B 22 28.11 23.77 -8.03
CA GLY B 22 27.24 24.32 -9.05
C GLY B 22 25.88 24.81 -8.59
N LEU B 23 25.33 24.23 -7.52
CA LEU B 23 23.98 24.56 -7.09
C LEU B 23 23.90 25.92 -6.44
N LYS B 24 22.78 26.60 -6.66
CA LYS B 24 22.44 27.79 -5.88
C LYS B 24 22.54 27.39 -4.41
N ARG B 25 22.91 28.34 -3.55
CA ARG B 25 23.11 28.03 -2.15
C ARG B 25 21.83 27.45 -1.53
N GLU B 26 20.68 28.02 -1.88
CA GLU B 26 19.41 27.55 -1.35
C GLU B 26 19.13 26.09 -1.74
N HIS B 27 19.46 25.72 -2.98
CA HIS B 27 19.33 24.34 -3.42
C HIS B 27 20.33 23.46 -2.70
N ALA B 28 21.52 24.01 -2.49
CA ALA B 28 22.56 23.28 -1.78
C ALA B 28 22.18 23.04 -0.33
N ALA B 29 21.53 24.02 0.31
CA ALA B 29 21.18 23.91 1.72
C ALA B 29 20.10 22.84 1.91
N THR B 30 19.20 22.75 0.95
CA THR B 30 18.12 21.76 0.99
C THR B 30 18.63 20.33 0.83
N VAL B 31 19.46 20.08 -0.19
CA VAL B 31 20.06 18.77 -0.37
C VAL B 31 20.83 18.38 0.89
N ALA B 32 21.49 19.38 1.49
CA ALA B 32 22.21 19.20 2.75
C ALA B 32 21.27 18.75 3.87
N GLU B 33 20.18 19.49 4.05
CA GLU B 33 19.16 19.15 5.05
C GLU B 33 18.73 17.69 4.97
N VAL B 34 18.42 17.22 3.77
CA VAL B 34 17.90 15.87 3.57
C VAL B 34 18.95 14.81 3.81
N LEU B 35 20.19 15.14 3.47
CA LEU B 35 21.29 14.21 3.70
C LEU B 35 21.61 14.08 5.21
N VAL B 36 21.58 15.19 5.92
CA VAL B 36 21.83 15.21 7.36
C VAL B 36 20.74 14.43 8.10
N TYR B 37 19.50 14.64 7.68
CA TYR B 37 18.35 13.90 8.20
C TYR B 37 18.56 12.39 8.11
N ALA B 38 19.09 11.95 6.97
CA ALA B 38 19.21 10.53 6.68
C ALA B 38 20.28 9.77 7.50
N ASP B 39 21.43 10.41 7.71
CA ASP B 39 22.54 9.75 8.40
C ASP B 39 22.13 9.33 9.79
N ALA B 40 21.54 10.28 10.49
CA ALA B 40 21.12 10.12 11.86
C ALA B 40 20.23 8.90 12.11
N ARG B 41 19.43 8.49 11.13
CA ARG B 41 18.40 7.48 11.33
C ARG B 41 18.91 6.09 10.96
N GLY B 42 20.21 6.01 10.67
CA GLY B 42 20.81 4.74 10.30
C GLY B 42 20.64 4.47 8.83
N ILE B 43 20.00 5.42 8.13
CA ILE B 43 19.96 5.41 6.68
C ILE B 43 21.19 6.22 6.21
N HIS B 44 22.36 5.78 6.65
CA HIS B 44 23.62 6.43 6.27
C HIS B 44 23.79 6.31 4.77
N SER B 45 23.17 5.28 4.20
CA SER B 45 23.26 5.00 2.78
C SER B 45 22.46 6.01 1.94
N HIS B 46 22.03 7.11 2.56
CA HIS B 46 21.38 8.21 1.87
C HIS B 46 21.80 9.52 2.55
N GLY B 47 22.94 9.46 3.26
CA GLY B 47 23.41 10.59 4.04
C GLY B 47 24.61 11.28 3.42
N ALA B 48 25.54 11.74 4.26
CA ALA B 48 26.70 12.48 3.78
C ALA B 48 27.58 11.63 2.86
N VAL B 49 27.37 10.32 2.85
CA VAL B 49 28.15 9.43 2.00
C VAL B 49 27.96 9.75 0.51
N ARG B 50 26.80 10.30 0.15
CA ARG B 50 26.45 10.48 -1.26
C ARG B 50 26.85 11.85 -1.79
N VAL B 51 27.43 12.68 -0.91
CA VAL B 51 27.74 14.05 -1.26
C VAL B 51 28.67 14.15 -2.46
N GLU B 52 29.70 13.30 -2.47
CA GLU B 52 30.71 13.31 -3.53
C GLU B 52 30.09 12.87 -4.86
N TYR B 53 29.14 11.92 -4.81
CA TYR B 53 28.42 11.49 -6.01
C TYR B 53 27.56 12.62 -6.53
N TYR B 54 26.75 13.21 -5.66
CA TYR B 54 25.93 14.35 -6.05
C TYR B 54 26.77 15.51 -6.61
N ALA B 55 27.91 15.81 -5.97
CA ALA B 55 28.77 16.89 -6.44
C ALA B 55 29.23 16.65 -7.87
N GLU B 56 29.51 15.40 -8.19
CA GLU B 56 29.96 15.05 -9.52
C GLU B 56 28.88 15.25 -10.57
N ARG B 57 27.73 14.62 -10.35
CA ARG B 57 26.61 14.71 -11.28
C ARG B 57 26.24 16.17 -11.51
N ILE B 58 26.36 16.99 -10.46
CA ILE B 58 26.10 18.42 -10.61
C ILE B 58 27.13 19.07 -11.54
N SER B 59 28.40 18.69 -11.37
CA SER B 59 29.48 19.25 -12.19
C SER B 59 29.29 18.97 -13.66
N LYS B 60 28.85 17.75 -13.96
CA LYS B 60 28.75 17.27 -15.34
C LYS B 60 27.38 17.52 -15.99
N GLY B 61 26.48 18.18 -15.29
CA GLY B 61 25.19 18.53 -15.86
C GLY B 61 24.13 17.44 -15.85
N GLY B 62 24.41 16.32 -15.19
CA GLY B 62 23.44 15.23 -15.07
C GLY B 62 22.42 15.52 -14.01
N THR B 63 22.64 16.61 -13.27
CA THR B 63 21.69 17.20 -12.35
C THR B 63 21.66 18.66 -12.73
N ASN B 64 20.47 19.19 -12.98
CA ASN B 64 20.31 20.56 -13.43
C ASN B 64 20.59 21.57 -12.32
N ARG B 65 21.61 22.42 -12.52
CA ARG B 65 21.92 23.43 -11.51
C ARG B 65 21.13 24.72 -11.72
N GLU B 66 20.44 24.82 -12.85
CA GLU B 66 19.56 25.95 -13.12
C GLU B 66 18.20 25.47 -13.65
N PRO B 67 17.46 24.72 -12.81
CA PRO B 67 16.18 24.19 -13.31
C PRO B 67 15.13 25.27 -13.48
N GLU B 68 14.30 25.14 -14.52
CA GLU B 68 13.15 25.99 -14.70
C GLU B 68 11.94 25.31 -14.06
N PHE B 69 11.72 25.55 -12.76
CA PHE B 69 10.59 24.92 -12.07
C PHE B 69 9.27 25.48 -12.58
N ARG B 70 8.29 24.61 -12.75
CA ARG B 70 6.96 25.03 -13.13
C ARG B 70 5.95 24.19 -12.34
N LEU B 71 5.28 24.84 -11.39
CA LEU B 71 4.24 24.15 -10.65
C LEU B 71 2.94 24.34 -11.41
N GLU B 72 2.49 23.26 -12.03
CA GLU B 72 1.25 23.33 -12.80
C GLU B 72 0.12 22.70 -11.99
N GLU B 73 -0.78 23.52 -11.48
CA GLU B 73 -1.97 23.01 -10.80
C GLU B 73 -2.93 22.43 -11.84
N THR B 74 -3.45 21.25 -11.55
CA THR B 74 -4.37 20.60 -12.50
C THR B 74 -5.80 20.46 -12.02
N GLY B 75 -6.02 20.68 -10.73
CA GLY B 75 -7.34 20.58 -10.16
C GLY B 75 -7.29 21.17 -8.78
N PRO B 76 -8.43 21.17 -8.07
CA PRO B 76 -8.43 21.73 -6.72
C PRO B 76 -7.46 21.00 -5.80
N CYS B 77 -7.23 19.71 -6.07
CA CYS B 77 -6.35 18.92 -5.19
C CYS B 77 -5.25 18.15 -5.90
N SER B 78 -4.80 18.68 -7.03
CA SER B 78 -3.79 17.98 -7.81
C SER B 78 -2.87 18.95 -8.53
N ALA B 79 -1.63 18.52 -8.75
CA ALA B 79 -0.68 19.35 -9.47
C ALA B 79 0.51 18.51 -9.89
N ILE B 80 1.26 19.05 -10.83
CA ILE B 80 2.54 18.48 -11.24
C ILE B 80 3.59 19.56 -11.10
N LEU B 81 4.64 19.26 -10.34
CA LEU B 81 5.83 20.10 -10.37
C LEU B 81 6.76 19.62 -11.46
N HIS B 82 6.87 20.38 -12.54
CA HIS B 82 7.82 20.08 -13.60
C HIS B 82 9.18 20.54 -13.11
N ALA B 83 10.07 19.57 -12.87
CA ALA B 83 11.28 19.82 -12.07
C ALA B 83 12.55 19.98 -12.88
N ASP B 84 12.49 19.68 -14.18
CA ASP B 84 13.60 20.02 -15.10
C ASP B 84 14.89 19.35 -14.65
N ASN B 85 14.75 18.16 -14.06
CA ASN B 85 15.87 17.38 -13.54
C ASN B 85 16.73 18.06 -12.48
N ALA B 86 16.10 18.95 -11.71
CA ALA B 86 16.68 19.47 -10.48
C ALA B 86 17.06 18.34 -9.53
N ALA B 87 17.90 18.64 -8.53
CA ALA B 87 18.24 17.66 -7.51
C ALA B 87 16.94 17.19 -6.87
N GLY B 88 16.82 15.88 -6.71
CA GLY B 88 15.58 15.27 -6.21
C GLY B 88 15.13 15.83 -4.88
N GLN B 89 16.08 16.17 -4.01
CA GLN B 89 15.73 16.65 -2.69
C GLN B 89 15.03 18.00 -2.79
N VAL B 90 15.52 18.85 -3.68
CA VAL B 90 14.96 20.17 -3.89
C VAL B 90 13.57 20.03 -4.51
N ALA B 91 13.48 19.19 -5.55
CA ALA B 91 12.21 19.06 -6.28
C ALA B 91 11.15 18.44 -5.39
N ALA B 92 11.51 17.37 -4.70
CA ALA B 92 10.53 16.69 -3.85
C ALA B 92 10.09 17.55 -2.67
N LYS B 93 11.03 18.29 -2.07
CA LYS B 93 10.67 19.20 -1.00
C LYS B 93 9.71 20.27 -1.46
N MET B 94 10.00 20.88 -2.62
CA MET B 94 9.18 21.94 -3.19
C MET B 94 7.76 21.44 -3.49
N GLY B 95 7.66 20.26 -4.08
CA GLY B 95 6.37 19.68 -4.37
C GLY B 95 5.58 19.36 -3.11
N MET B 96 6.27 18.92 -2.07
CA MET B 96 5.63 18.65 -0.78
C MET B 96 5.11 19.94 -0.13
N GLU B 97 5.86 21.03 -0.28
CA GLU B 97 5.37 22.32 0.17
C GLU B 97 4.02 22.67 -0.49
N HIS B 98 3.94 22.46 -1.80
CA HIS B 98 2.68 22.68 -2.49
C HIS B 98 1.58 21.72 -2.04
N ALA B 99 1.93 20.46 -1.85
CA ALA B 99 0.95 19.49 -1.38
C ALA B 99 0.40 19.89 -0.01
N ILE B 100 1.28 20.37 0.87
CA ILE B 100 0.87 20.77 2.21
C ILE B 100 -0.10 21.98 2.15
N LYS B 101 0.25 22.97 1.35
CA LYS B 101 -0.59 24.15 1.14
C LYS B 101 -1.96 23.76 0.61
N THR B 102 -1.96 22.86 -0.36
CA THR B 102 -3.18 22.40 -1.01
C THR B 102 -4.09 21.60 -0.07
N ALA B 103 -3.51 20.66 0.68
CA ALA B 103 -4.30 19.89 1.64
C ALA B 103 -4.79 20.77 2.78
N GLN B 104 -3.99 21.77 3.15
CA GLN B 104 -4.37 22.68 4.22
C GLN B 104 -5.68 23.40 3.88
N GLN B 105 -5.79 23.83 2.63
CA GLN B 105 -6.93 24.61 2.18
C GLN B 105 -8.08 23.73 1.71
N ASN B 106 -7.78 22.73 0.89
CA ASN B 106 -8.81 21.98 0.17
C ASN B 106 -8.96 20.53 0.63
N GLY B 107 -8.16 20.12 1.61
CA GLY B 107 -8.40 18.85 2.28
C GLY B 107 -7.50 17.68 1.89
N VAL B 108 -7.17 17.60 0.61
CA VAL B 108 -6.35 16.51 0.09
C VAL B 108 -5.43 17.10 -0.99
N ALA B 109 -4.32 16.43 -1.28
CA ALA B 109 -3.43 16.83 -2.36
C ALA B 109 -2.71 15.62 -2.95
N VAL B 110 -2.70 15.55 -4.27
CA VAL B 110 -1.94 14.52 -4.99
C VAL B 110 -1.03 15.31 -5.93
N VAL B 111 0.26 15.30 -5.64
CA VAL B 111 1.21 16.13 -6.37
C VAL B 111 2.31 15.25 -6.94
N GLY B 112 2.49 15.30 -8.25
CA GLY B 112 3.56 14.54 -8.87
C GLY B 112 4.82 15.38 -9.00
N ILE B 113 5.97 14.76 -8.82
CA ILE B 113 7.25 15.40 -9.13
C ILE B 113 7.73 14.82 -10.46
N SER B 114 7.77 15.66 -11.49
CA SER B 114 8.04 15.17 -12.86
C SER B 114 9.44 15.55 -13.35
N ARG B 115 10.30 14.55 -13.49
CA ARG B 115 11.69 14.70 -13.98
C ARG B 115 12.61 15.29 -12.92
N MET B 116 13.03 14.44 -12.00
CA MET B 116 13.94 14.84 -10.95
C MET B 116 15.12 13.87 -10.85
N GLY B 117 16.15 14.32 -10.14
CA GLY B 117 17.22 13.42 -9.74
C GLY B 117 16.83 12.65 -8.49
N HIS B 118 17.75 11.85 -7.98
CA HIS B 118 17.53 11.02 -6.80
C HIS B 118 17.15 11.90 -5.62
N SER B 119 16.12 11.51 -4.87
CA SER B 119 15.61 12.32 -3.78
C SER B 119 15.95 11.77 -2.39
N GLY B 120 16.51 10.56 -2.34
CA GLY B 120 17.09 10.01 -1.11
C GLY B 120 16.18 9.24 -0.17
N ALA B 121 16.36 9.44 1.13
CA ALA B 121 15.48 8.83 2.12
C ALA B 121 14.17 9.62 2.11
N ILE B 122 13.16 9.04 1.46
CA ILE B 122 11.96 9.79 1.17
C ILE B 122 11.04 10.05 2.36
N SER B 123 11.32 9.42 3.50
CA SER B 123 10.57 9.75 4.71
C SER B 123 10.78 11.20 5.12
N TYR B 124 11.87 11.83 4.66
CA TYR B 124 12.04 13.24 4.95
C TYR B 124 10.83 14.05 4.49
N PHE B 125 10.29 13.71 3.32
CA PHE B 125 9.23 14.52 2.75
C PHE B 125 7.90 14.29 3.45
N VAL B 126 7.62 13.06 3.86
CA VAL B 126 6.38 12.84 4.60
C VAL B 126 6.44 13.43 6.01
N GLN B 127 7.64 13.50 6.59
CA GLN B 127 7.77 14.21 7.88
C GLN B 127 7.41 15.68 7.73
N GLN B 128 7.68 16.27 6.57
CA GLN B 128 7.25 17.65 6.34
C GLN B 128 5.76 17.78 6.54
N ALA B 129 5.01 16.88 5.94
CA ALA B 129 3.56 16.88 6.06
C ALA B 129 3.12 16.70 7.52
N ALA B 130 3.71 15.73 8.22
CA ALA B 130 3.31 15.47 9.59
C ALA B 130 3.63 16.65 10.51
N ARG B 131 4.76 17.32 10.27
CA ARG B 131 5.12 18.53 11.03
C ARG B 131 4.10 19.63 10.83
N ALA B 132 3.44 19.64 9.67
CA ALA B 132 2.40 20.60 9.37
C ALA B 132 1.01 20.18 9.91
N GLY B 133 0.96 18.99 10.51
CA GLY B 133 -0.27 18.49 11.12
C GLY B 133 -1.08 17.53 10.26
N PHE B 134 -0.49 17.08 9.16
CA PHE B 134 -1.22 16.26 8.18
C PHE B 134 -0.62 14.88 8.00
N ILE B 135 -1.40 13.98 7.41
CA ILE B 135 -0.88 12.69 6.98
C ILE B 135 -0.11 12.87 5.67
N GLY B 136 1.09 12.31 5.60
CA GLY B 136 1.84 12.36 4.37
C GLY B 136 2.17 10.98 3.84
N ILE B 137 2.01 10.79 2.54
CA ILE B 137 2.39 9.55 1.86
C ILE B 137 3.29 9.96 0.70
N SER B 138 4.35 9.20 0.45
CA SER B 138 5.17 9.47 -0.73
C SER B 138 5.76 8.18 -1.26
N MET B 139 6.13 8.20 -2.54
CA MET B 139 6.69 7.01 -3.19
C MET B 139 7.42 7.50 -4.42
N CYS B 140 8.41 6.75 -4.89
CA CYS B 140 9.10 7.16 -6.11
C CYS B 140 9.69 5.99 -6.87
N GLN B 141 9.97 6.22 -8.16
CA GLN B 141 10.68 5.22 -8.97
C GLN B 141 12.16 5.14 -8.60
N SER B 142 12.77 4.01 -8.93
CA SER B 142 14.20 3.86 -8.71
C SER B 142 14.81 3.00 -9.83
N ASP B 143 16.14 3.02 -9.93
CA ASP B 143 16.89 2.26 -10.94
C ASP B 143 16.41 0.82 -11.05
N PRO B 144 16.12 0.34 -12.27
CA PRO B 144 15.72 -1.06 -12.42
C PRO B 144 16.77 -1.99 -11.80
N MET B 145 16.32 -2.88 -10.92
CA MET B 145 17.24 -3.70 -10.11
C MET B 145 16.63 -5.01 -9.60
N VAL B 146 15.33 -5.18 -9.81
CA VAL B 146 14.58 -6.24 -9.16
C VAL B 146 13.94 -7.16 -10.17
N VAL B 147 14.01 -8.47 -9.93
CA VAL B 147 13.26 -9.38 -10.77
C VAL B 147 11.79 -9.38 -10.37
N PRO B 148 10.90 -9.52 -11.36
CA PRO B 148 9.52 -9.86 -11.03
C PRO B 148 9.47 -11.21 -10.33
N PHE B 149 8.48 -11.41 -9.48
CA PHE B 149 8.33 -12.71 -8.83
C PHE B 149 8.28 -13.82 -9.86
N GLY B 150 9.20 -14.78 -9.74
CA GLY B 150 9.28 -15.87 -10.70
C GLY B 150 10.18 -15.58 -11.89
N GLY B 151 10.78 -14.39 -11.94
CA GLY B 151 11.55 -13.98 -13.10
C GLY B 151 13.06 -13.94 -12.99
N ALA B 152 13.72 -13.83 -14.14
CA ALA B 152 15.18 -13.79 -14.21
C ALA B 152 15.76 -12.50 -14.83
N GLU B 153 14.86 -11.59 -15.21
CA GLU B 153 15.28 -10.31 -15.80
C GLU B 153 14.79 -9.16 -14.94
N ILE B 154 15.54 -8.07 -14.88
CA ILE B 154 15.16 -6.93 -14.07
C ILE B 154 14.06 -6.11 -14.75
N TYR B 155 13.23 -5.46 -13.93
CA TYR B 155 12.17 -4.59 -14.46
C TYR B 155 12.05 -3.38 -13.54
N TYR B 156 11.45 -3.54 -12.37
CA TYR B 156 11.32 -2.41 -11.43
C TYR B 156 12.57 -2.17 -10.58
N GLY B 157 12.58 -1.02 -9.90
CA GLY B 157 13.59 -0.70 -8.92
C GLY B 157 13.14 -0.97 -7.50
N THR B 158 13.93 -0.47 -6.54
CA THR B 158 13.65 -0.71 -5.14
C THR B 158 12.52 0.16 -4.63
N ASN B 159 12.04 1.05 -5.49
CA ASN B 159 10.73 1.73 -5.37
C ASN B 159 10.17 1.83 -3.96
N PRO B 160 10.61 2.86 -3.22
CA PRO B 160 10.23 2.99 -1.81
C PRO B 160 8.86 3.62 -1.59
N LEU B 161 8.30 3.37 -0.41
CA LEU B 161 7.05 3.96 0.05
C LEU B 161 7.27 4.50 1.45
N ALA B 162 6.76 5.70 1.72
CA ALA B 162 6.89 6.32 3.04
C ALA B 162 5.58 6.93 3.51
N PHE B 163 5.43 7.04 4.83
CA PHE B 163 4.19 7.51 5.44
C PHE B 163 4.55 8.17 6.77
N ALA B 164 3.88 9.27 7.10
CA ALA B 164 4.02 9.87 8.41
C ALA B 164 2.71 10.51 8.83
N ALA B 165 2.45 10.50 10.13
CA ALA B 165 1.25 11.10 10.67
C ALA B 165 1.58 11.70 12.04
N PRO B 166 0.94 12.83 12.36
CA PRO B 166 1.20 13.56 13.61
C PRO B 166 0.53 12.94 14.84
N GLY B 167 1.29 12.83 15.94
CA GLY B 167 0.71 12.52 17.24
C GLY B 167 0.68 13.83 18.02
N GLU B 168 0.49 13.76 19.34
CA GLU B 168 0.43 14.99 20.13
C GLU B 168 1.80 15.64 20.31
N GLY B 169 1.80 16.95 20.56
CA GLY B 169 3.04 17.70 20.69
C GLY B 169 3.92 17.58 19.45
N ASP B 170 5.18 17.21 19.65
CA ASP B 170 6.10 17.05 18.53
C ASP B 170 6.27 15.59 18.10
N GLU B 171 5.40 14.71 18.57
CA GLU B 171 5.46 13.31 18.17
C GLU B 171 4.99 13.15 16.74
N ILE B 172 5.72 12.31 16.00
CA ILE B 172 5.37 11.91 14.65
C ILE B 172 5.63 10.42 14.51
N LEU B 173 4.71 9.70 13.87
CA LEU B 173 4.97 8.30 13.51
C LEU B 173 5.42 8.32 12.04
N THR B 174 6.60 7.78 11.79
CA THR B 174 7.23 7.77 10.46
C THR B 174 7.57 6.35 10.03
N PHE B 175 7.08 5.93 8.86
CA PHE B 175 7.35 4.60 8.32
C PHE B 175 7.88 4.76 6.90
N ASP B 176 8.87 3.95 6.53
CA ASP B 176 9.59 4.14 5.27
C ASP B 176 10.21 2.79 4.85
N MET B 177 9.87 2.30 3.67
CA MET B 177 10.36 0.97 3.27
C MET B 177 10.71 0.88 1.80
N ALA B 178 11.80 0.18 1.51
CA ALA B 178 12.04 -0.31 0.15
C ALA B 178 11.09 -1.48 -0.11
N THR B 179 10.78 -1.71 -1.39
CA THR B 179 9.87 -2.79 -1.73
C THR B 179 10.62 -4.08 -2.03
N THR B 180 11.94 -4.04 -1.94
CA THR B 180 12.74 -5.26 -2.02
C THR B 180 12.97 -5.81 -0.62
N VAL B 181 13.31 -7.09 -0.54
CA VAL B 181 13.62 -7.71 0.75
C VAL B 181 14.58 -6.83 1.54
N GLN B 182 15.69 -6.47 0.94
CA GLN B 182 16.59 -5.50 1.55
C GLN B 182 16.97 -4.43 0.54
N ALA B 183 17.22 -3.22 1.04
CA ALA B 183 17.73 -2.15 0.20
C ALA B 183 19.06 -2.57 -0.43
N TRP B 184 19.40 -1.95 -1.54
CA TRP B 184 20.59 -2.29 -2.31
C TRP B 184 21.88 -1.99 -1.54
N GLY B 185 21.84 -0.91 -0.76
CA GLY B 185 23.03 -0.39 -0.11
C GLY B 185 23.60 -1.19 1.04
N LYS B 186 23.13 -2.42 1.20
CA LYS B 186 23.74 -3.33 2.17
C LYS B 186 24.00 -4.67 1.50
N VAL B 187 23.92 -4.66 0.18
CA VAL B 187 24.46 -5.75 -0.63
C VAL B 187 25.91 -5.40 -0.89
N LEU B 188 26.14 -4.11 -1.17
CA LEU B 188 27.50 -3.59 -1.31
C LEU B 188 28.19 -3.54 0.04
N ASP B 189 27.43 -3.22 1.09
CA ASP B 189 27.97 -3.19 2.45
C ASP B 189 28.35 -4.60 2.91
N ALA B 190 27.89 -5.60 2.16
CA ALA B 190 28.32 -6.97 2.37
C ALA B 190 29.13 -7.45 1.17
N ARG B 191 29.39 -6.55 0.24
CA ARG B 191 30.29 -6.81 -0.87
C ARG B 191 31.64 -6.18 -0.53
N SER B 192 31.60 -5.25 0.40
CA SER B 192 32.80 -4.59 0.89
C SER B 192 33.61 -5.57 1.74
N ARG B 193 32.94 -6.20 2.70
CA ARG B 193 33.62 -7.07 3.66
C ARG B 193 33.50 -8.57 3.38
N ASN B 194 33.43 -8.95 2.10
CA ASN B 194 33.61 -10.34 1.69
C ASN B 194 32.68 -11.35 2.36
N MET B 195 31.60 -10.87 2.96
CA MET B 195 30.67 -11.74 3.67
C MET B 195 29.87 -12.64 2.72
N SER B 196 29.29 -13.69 3.28
CA SER B 196 28.21 -14.39 2.61
C SER B 196 27.00 -13.49 2.79
N ILE B 197 26.05 -13.55 1.86
CA ILE B 197 24.80 -12.85 2.05
C ILE B 197 23.69 -13.86 2.20
N PRO B 198 22.64 -13.52 2.96
CA PRO B 198 21.49 -14.42 3.09
C PRO B 198 20.85 -14.70 1.73
N ASP B 199 20.24 -15.86 1.58
CA ASP B 199 19.69 -16.30 0.30
C ASP B 199 18.32 -15.68 -0.03
N THR B 200 17.82 -14.81 0.84
CA THR B 200 16.50 -14.22 0.66
C THR B 200 16.57 -12.88 -0.08
N TRP B 201 17.79 -12.38 -0.25
CA TRP B 201 18.01 -11.01 -0.71
C TRP B 201 18.09 -10.82 -2.22
N ALA B 202 18.63 -11.80 -2.92
CA ALA B 202 19.02 -11.56 -4.31
C ALA B 202 19.22 -12.83 -5.12
N VAL B 203 19.27 -12.66 -6.43
CA VAL B 203 19.40 -13.77 -7.35
C VAL B 203 20.58 -13.57 -8.29
N ASP B 204 21.02 -14.67 -8.90
CA ASP B 204 22.05 -14.61 -9.93
C ASP B 204 21.43 -14.27 -11.29
N LYS B 205 22.25 -14.30 -12.34
CA LYS B 205 21.80 -13.92 -13.68
C LYS B 205 20.73 -14.85 -14.25
N ASN B 206 20.58 -16.03 -13.64
CA ASN B 206 19.53 -16.96 -14.04
C ASN B 206 18.30 -16.85 -13.15
N GLY B 207 18.36 -15.97 -12.15
CA GLY B 207 17.23 -15.72 -11.28
C GLY B 207 17.13 -16.68 -10.12
N VAL B 208 18.23 -17.36 -9.83
CA VAL B 208 18.33 -18.31 -8.73
C VAL B 208 18.92 -17.62 -7.51
N PRO B 209 18.26 -17.75 -6.35
CA PRO B 209 18.73 -17.13 -5.10
C PRO B 209 20.19 -17.48 -4.84
N THR B 210 20.98 -16.51 -4.39
CA THR B 210 22.42 -16.72 -4.22
C THR B 210 22.94 -16.19 -2.88
N THR B 211 24.04 -16.76 -2.40
CA THR B 211 24.67 -16.31 -1.17
C THR B 211 25.95 -15.54 -1.47
N ASP B 212 26.39 -15.58 -2.73
CA ASP B 212 27.57 -14.83 -3.16
C ASP B 212 27.15 -13.49 -3.76
N PRO B 213 27.38 -12.40 -3.02
CA PRO B 213 26.97 -11.05 -3.44
C PRO B 213 27.69 -10.55 -4.67
N PHE B 214 28.75 -11.25 -5.06
CA PHE B 214 29.50 -10.92 -6.27
C PHE B 214 28.83 -11.59 -7.46
N ALA B 215 27.93 -12.53 -7.17
CA ALA B 215 27.16 -13.22 -8.19
C ALA B 215 25.73 -12.69 -8.27
N VAL B 216 25.45 -11.67 -7.46
CA VAL B 216 24.14 -11.04 -7.46
C VAL B 216 23.92 -10.26 -8.75
N HIS B 217 22.86 -10.63 -9.47
CA HIS B 217 22.49 -9.91 -10.67
C HIS B 217 21.36 -8.93 -10.37
N ALA B 218 20.50 -9.31 -9.43
CA ALA B 218 19.26 -8.59 -9.17
C ALA B 218 18.74 -8.88 -7.78
N LEU B 219 17.93 -7.97 -7.26
CA LEU B 219 17.29 -8.14 -5.96
C LEU B 219 15.96 -8.87 -6.08
N LEU B 220 15.53 -9.47 -4.97
CA LEU B 220 14.23 -10.09 -4.88
C LEU B 220 13.24 -9.09 -4.26
N PRO B 221 11.97 -9.16 -4.68
CA PRO B 221 10.93 -8.30 -4.10
C PRO B 221 10.56 -8.77 -2.70
N ALA B 222 10.33 -7.86 -1.76
CA ALA B 222 9.89 -8.26 -0.41
C ALA B 222 8.59 -9.06 -0.47
N ALA B 223 8.49 -10.09 0.37
CA ALA B 223 7.29 -10.95 0.40
C ALA B 223 6.83 -11.45 -0.97
N GLY B 224 7.77 -11.77 -1.86
CA GLY B 224 7.45 -12.38 -3.12
C GLY B 224 6.50 -11.53 -3.95
N PRO B 225 5.33 -12.10 -4.31
CA PRO B 225 4.40 -11.39 -5.18
C PRO B 225 3.91 -10.07 -4.57
N LYS B 226 3.96 -9.92 -3.26
CA LYS B 226 3.43 -8.69 -2.63
C LYS B 226 4.33 -7.47 -2.85
N GLY B 227 5.63 -7.64 -2.65
CA GLY B 227 6.59 -6.58 -2.95
C GLY B 227 6.56 -6.27 -4.43
N TYR B 228 6.36 -7.30 -5.24
CA TYR B 228 6.26 -7.17 -6.70
C TYR B 228 5.10 -6.25 -7.06
N GLY B 229 3.93 -6.51 -6.46
CA GLY B 229 2.75 -5.70 -6.72
C GLY B 229 2.96 -4.28 -6.23
N LEU B 230 3.62 -4.14 -5.08
CA LEU B 230 3.81 -2.81 -4.50
C LEU B 230 4.74 -1.94 -5.35
N MET B 231 5.83 -2.52 -5.85
CA MET B 231 6.72 -1.73 -6.69
C MET B 231 6.06 -1.40 -8.03
N MET B 232 5.20 -2.28 -8.52
CA MET B 232 4.40 -1.95 -9.71
C MET B 232 3.51 -0.75 -9.43
N MET B 233 2.78 -0.80 -8.32
CA MET B 233 1.90 0.29 -7.92
C MET B 233 2.64 1.62 -7.90
N ILE B 234 3.83 1.59 -7.31
CA ILE B 234 4.63 2.80 -7.17
C ILE B 234 5.09 3.32 -8.53
N ASP B 235 5.47 2.40 -9.41
CA ASP B 235 5.84 2.79 -10.78
C ASP B 235 4.65 3.41 -11.52
N VAL B 236 3.46 2.85 -11.34
CA VAL B 236 2.31 3.39 -12.04
C VAL B 236 1.90 4.77 -11.49
N LEU B 237 1.93 4.90 -10.16
CA LEU B 237 1.53 6.15 -9.49
C LEU B 237 2.51 7.32 -9.66
N SER B 238 3.80 7.03 -9.60
CA SER B 238 4.79 8.12 -9.67
C SER B 238 5.43 8.23 -11.05
N GLY B 239 5.18 7.25 -11.92
CA GLY B 239 5.84 7.23 -13.22
C GLY B 239 4.84 7.24 -14.38
N VAL B 240 4.09 6.15 -14.54
CA VAL B 240 3.13 6.08 -15.64
C VAL B 240 2.10 7.20 -15.57
N LEU B 241 1.60 7.50 -14.36
CA LEU B 241 0.64 8.60 -14.19
C LEU B 241 1.12 9.92 -14.74
N LEU B 242 2.43 10.15 -14.62
CA LEU B 242 3.03 11.42 -15.03
C LEU B 242 3.59 11.38 -16.46
N GLY B 243 3.41 10.26 -17.15
CA GLY B 243 3.86 10.14 -18.54
C GLY B 243 5.37 10.05 -18.66
N LEU B 244 6.01 9.56 -17.60
CA LEU B 244 7.47 9.44 -17.53
C LEU B 244 7.91 8.05 -17.97
N PRO B 245 9.22 7.87 -18.19
CA PRO B 245 9.68 6.49 -18.43
C PRO B 245 9.28 5.61 -17.26
N PHE B 246 8.97 4.34 -17.53
CA PHE B 246 8.48 3.47 -16.47
C PHE B 246 9.12 2.10 -16.55
N GLY B 247 9.05 1.35 -15.45
CA GLY B 247 9.52 -0.02 -15.46
C GLY B 247 11.00 -0.05 -15.79
N ARG B 248 11.39 -0.93 -16.71
CA ARG B 248 12.80 -1.07 -17.05
C ARG B 248 13.35 0.12 -17.82
N GLN B 249 12.46 1.00 -18.29
CA GLN B 249 12.89 2.22 -18.96
C GLN B 249 13.49 3.25 -18.03
N VAL B 250 13.25 3.11 -16.73
CA VAL B 250 13.77 4.06 -15.77
C VAL B 250 15.30 4.09 -15.84
N SER B 251 15.86 5.29 -15.74
CA SER B 251 17.31 5.47 -15.82
C SER B 251 18.03 4.83 -14.63
N SER B 252 19.30 4.50 -14.83
CA SER B 252 20.13 4.02 -13.73
C SER B 252 21.17 5.07 -13.35
N MET B 253 21.57 5.05 -12.09
CA MET B 253 22.52 6.04 -11.56
C MET B 253 23.79 6.21 -12.39
N TYR B 254 24.29 5.12 -12.97
CA TYR B 254 25.57 5.15 -13.66
C TYR B 254 25.47 5.00 -15.18
N ASP B 255 24.26 5.11 -15.73
CA ASP B 255 24.08 5.07 -17.18
C ASP B 255 24.80 6.25 -17.84
N ASP B 256 24.60 7.43 -17.28
CA ASP B 256 25.04 8.67 -17.92
C ASP B 256 25.02 9.81 -16.91
N LEU B 257 26.19 10.13 -16.36
CA LEU B 257 26.30 11.19 -15.35
C LEU B 257 26.08 12.57 -15.95
N HIS B 258 25.94 12.62 -17.28
CA HIS B 258 25.72 13.87 -17.99
C HIS B 258 24.24 14.08 -18.26
N ALA B 259 23.43 13.05 -18.04
CA ALA B 259 22.02 13.09 -18.42
C ALA B 259 21.11 13.16 -17.21
N GLY B 260 20.08 14.01 -17.29
CA GLY B 260 19.06 14.05 -16.27
C GLY B 260 18.43 12.68 -16.07
N ARG B 261 18.02 12.39 -14.83
CA ARG B 261 17.51 11.08 -14.46
C ARG B 261 16.07 10.87 -14.92
N ASN B 262 15.32 11.95 -15.00
CA ASN B 262 13.90 11.90 -15.39
C ASN B 262 13.03 11.01 -14.50
N LEU B 263 13.40 10.89 -13.22
CA LEU B 263 12.59 10.12 -12.28
C LEU B 263 11.29 10.84 -11.92
N GLY B 264 10.32 10.06 -11.46
CA GLY B 264 9.11 10.61 -10.88
C GLY B 264 8.93 10.23 -9.42
N GLN B 265 8.20 11.09 -8.70
CA GLN B 265 7.80 10.85 -7.31
C GLN B 265 6.36 11.32 -7.15
N LEU B 266 5.59 10.68 -6.27
CA LEU B 266 4.21 11.12 -6.05
C LEU B 266 4.00 11.37 -4.56
N HIS B 267 3.49 12.54 -4.22
CA HIS B 267 3.09 12.83 -2.85
C HIS B 267 1.55 12.79 -2.74
N ILE B 268 1.06 12.21 -1.65
CA ILE B 268 -0.36 12.29 -1.30
C ILE B 268 -0.46 12.83 0.12
N VAL B 269 -1.17 13.94 0.31
CA VAL B 269 -1.30 14.54 1.64
C VAL B 269 -2.77 14.65 2.03
N ILE B 270 -3.10 14.26 3.26
CA ILE B 270 -4.47 14.24 3.74
C ILE B 270 -4.58 15.06 5.03
N ASN B 271 -5.52 16.00 5.05
CA ASN B 271 -5.73 16.85 6.21
C ASN B 271 -6.77 16.17 7.09
N PRO B 272 -6.41 15.75 8.32
CA PRO B 272 -7.41 15.03 9.12
C PRO B 272 -8.72 15.78 9.39
N ASN B 273 -8.69 17.11 9.40
CA ASN B 273 -9.89 17.97 9.53
C ASN B 273 -11.04 17.69 8.63
N PHE B 274 -10.72 17.15 7.46
CA PHE B 274 -11.71 16.96 6.44
C PHE B 274 -12.40 15.61 6.63
N PHE B 275 -12.05 14.94 7.73
CA PHE B 275 -12.58 13.61 8.04
C PHE B 275 -13.08 13.47 9.49
N SER B 276 -12.31 13.98 10.46
CA SER B 276 -12.70 13.88 11.87
C SER B 276 -11.91 14.89 12.72
N SER B 277 -12.10 14.86 14.04
CA SER B 277 -11.38 15.78 14.93
C SER B 277 -9.87 15.59 14.89
N SER B 278 -9.14 16.62 14.49
CA SER B 278 -7.69 16.52 14.44
C SER B 278 -7.10 16.35 15.81
N GLU B 279 -7.75 16.91 16.83
CA GLU B 279 -7.27 16.73 18.20
C GLU B 279 -7.34 15.27 18.58
N LEU B 280 -8.47 14.64 18.32
CA LEU B 280 -8.63 13.21 18.62
C LEU B 280 -7.73 12.35 17.72
N PHE B 281 -7.56 12.77 16.48
CA PHE B 281 -6.64 12.07 15.59
C PHE B 281 -5.24 12.00 16.20
N ARG B 282 -4.73 13.14 16.66
CA ARG B 282 -3.38 13.18 17.18
C ARG B 282 -3.27 12.44 18.52
N GLN B 283 -4.33 12.57 19.33
CA GLN B 283 -4.41 11.84 20.58
C GLN B 283 -4.34 10.34 20.32
N HIS B 284 -5.01 9.90 19.26
CA HIS B 284 -5.06 8.47 18.93
C HIS B 284 -3.78 7.96 18.28
N LEU B 285 -3.07 8.82 17.58
CA LEU B 285 -1.75 8.44 17.09
C LEU B 285 -0.78 8.24 18.25
N SER B 286 -0.75 9.18 19.18
CA SER B 286 0.07 9.02 20.38
C SER B 286 -0.33 7.77 21.15
N GLN B 287 -1.62 7.48 21.21
CA GLN B 287 -2.12 6.30 21.92
C GLN B 287 -1.63 5.03 21.21
N THR B 288 -1.68 5.04 19.89
CA THR B 288 -1.14 3.96 19.09
C THR B 288 0.31 3.72 19.44
N MET B 289 1.09 4.80 19.48
CA MET B 289 2.52 4.67 19.73
C MET B 289 2.80 4.13 21.14
N ARG B 290 2.09 4.65 22.13
CA ARG B 290 2.17 4.13 23.52
C ARG B 290 1.80 2.65 23.62
N GLU B 291 0.64 2.30 23.07
CA GLU B 291 0.10 0.95 23.19
C GLU B 291 0.99 -0.09 22.51
N LEU B 292 1.51 0.24 21.32
CA LEU B 292 2.38 -0.71 20.64
C LEU B 292 3.66 -0.94 21.44
N ASN B 293 4.17 0.12 22.05
CA ASN B 293 5.38 0.01 22.86
C ASN B 293 5.18 -0.88 24.08
N ALA B 294 3.97 -0.90 24.60
CA ALA B 294 3.65 -1.69 25.79
C ALA B 294 3.31 -3.15 25.47
N ILE B 295 3.26 -3.50 24.18
CA ILE B 295 2.96 -4.88 23.78
C ILE B 295 4.05 -5.82 24.28
N THR B 296 3.64 -6.98 24.78
CA THR B 296 4.58 -7.99 25.23
C THR B 296 5.48 -8.47 24.08
N PRO B 297 6.81 -8.39 24.29
CA PRO B 297 7.69 -8.83 23.21
C PRO B 297 7.69 -10.34 23.06
N ALA B 298 7.85 -10.80 21.82
CA ALA B 298 8.05 -12.21 21.54
C ALA B 298 9.45 -12.58 21.98
N PRO B 299 9.68 -13.87 22.28
CA PRO B 299 11.03 -14.37 22.57
C PRO B 299 12.01 -13.98 21.46
N GLY B 300 13.11 -13.32 21.83
CA GLY B 300 14.09 -12.88 20.86
C GLY B 300 14.16 -11.37 20.75
N PHE B 301 13.14 -10.70 21.27
CA PHE B 301 13.08 -9.24 21.21
C PHE B 301 13.05 -8.67 22.62
N ASN B 302 13.76 -7.56 22.83
CA ASN B 302 13.78 -6.90 24.13
C ASN B 302 12.57 -6.01 24.30
N GLN B 303 11.97 -5.63 23.17
CA GLN B 303 10.86 -4.70 23.18
C GLN B 303 10.12 -4.70 21.83
N VAL B 304 8.92 -4.17 21.85
CA VAL B 304 8.18 -3.91 20.62
C VAL B 304 8.31 -2.42 20.35
N TYR B 305 8.66 -2.07 19.11
CA TYR B 305 8.70 -0.68 18.73
C TYR B 305 7.46 -0.36 17.91
N TYR B 306 6.91 0.84 18.06
CA TYR B 306 5.94 1.28 17.03
C TYR B 306 6.73 1.46 15.72
N PRO B 307 6.07 1.36 14.56
CA PRO B 307 6.83 1.46 13.30
C PRO B 307 7.68 2.73 13.23
N GLY B 308 8.94 2.56 12.86
CA GLY B 308 9.82 3.71 12.74
C GLY B 308 10.51 4.14 14.02
N GLN B 309 10.11 3.57 15.16
CA GLN B 309 10.64 4.04 16.43
C GLN B 309 12.13 3.76 16.56
N ASP B 310 12.59 2.69 15.92
CA ASP B 310 14.02 2.34 15.94
C ASP B 310 14.83 3.47 15.32
N GLN B 311 14.32 4.05 14.21
CA GLN B 311 15.01 5.17 13.59
C GLN B 311 14.83 6.47 14.37
N ASP B 312 13.64 6.66 14.97
CA ASP B 312 13.38 7.83 15.82
C ASP B 312 14.42 7.86 16.95
N ILE B 313 14.65 6.71 17.58
CA ILE B 313 15.65 6.58 18.63
C ILE B 313 17.09 6.87 18.14
N LYS B 314 17.50 6.25 17.04
CA LYS B 314 18.85 6.47 16.49
C LYS B 314 19.11 7.94 16.18
N GLN B 315 18.09 8.64 15.71
CA GLN B 315 18.22 10.04 15.35
C GLN B 315 18.60 10.87 16.57
N ARG B 316 17.90 10.63 17.67
CA ARG B 316 18.14 11.38 18.90
C ARG B 316 19.55 11.15 19.46
N LYS B 317 20.04 9.91 19.36
CA LYS B 317 21.41 9.62 19.77
C LYS B 317 22.40 10.28 18.80
PA NAI C . -2.10 -13.62 -2.25
O1A NAI C . -2.54 -14.96 -2.88
O2A NAI C . -0.96 -13.80 -1.32
O5B NAI C . -1.61 -12.64 -3.45
C5B NAI C . -1.67 -11.23 -3.37
C4B NAI C . -1.61 -10.53 -4.65
O4B NAI C . -0.49 -10.96 -5.39
C3B NAI C . -2.81 -10.85 -5.48
O3B NAI C . -3.12 -9.69 -6.24
C2B NAI C . -2.37 -11.89 -6.32
O2B NAI C . -3.10 -11.94 -7.50
C1B NAI C . -0.91 -11.58 -6.56
N9A NAI C . -0.08 -12.73 -6.87
C8A NAI C . 0.09 -13.81 -6.08
N7A NAI C . 0.93 -14.67 -6.68
C5A NAI C . 1.31 -14.14 -7.87
C6A NAI C . 2.16 -14.55 -8.91
N6A NAI C . 2.85 -15.77 -8.87
N1A NAI C . 2.32 -13.75 -9.97
C2A NAI C . 1.69 -12.57 -10.05
N3A NAI C . 0.87 -12.15 -9.08
C4A NAI C . 0.66 -12.90 -7.98
O3 NAI C . -3.37 -12.98 -1.63
PN NAI C . -3.79 -12.70 -0.14
O1N NAI C . -2.77 -11.84 0.62
O2N NAI C . -4.03 -14.00 0.64
O5D NAI C . -5.15 -11.94 -0.39
C5D NAI C . -6.13 -11.60 0.56
C4D NAI C . -7.53 -11.43 0.02
O4D NAI C . -8.39 -11.37 1.10
C3D NAI C . -7.69 -10.14 -0.68
O3D NAI C . -8.73 -10.28 -1.69
C2D NAI C . -8.11 -9.27 0.32
O2D NAI C . -8.89 -8.16 -0.18
C1D NAI C . -8.93 -10.11 1.20
N1N NAI C . -8.99 -9.66 2.61
C2N NAI C . -10.09 -9.05 3.08
C3N NAI C . -10.13 -8.64 4.42
C7N NAI C . -11.30 -7.98 4.95
O7N NAI C . -12.14 -7.57 4.19
N7N NAI C . -11.46 -7.81 6.41
C4N NAI C . -9.01 -8.87 5.23
C5N NAI C . -7.88 -9.50 4.68
C6N NAI C . -7.90 -9.89 3.36
PA NAI D . 14.02 -1.35 6.90
O1A NAI D . 15.27 -1.27 7.82
O2A NAI D . 13.81 -2.75 6.43
O5B NAI D . 12.78 -0.89 7.81
C5B NAI D . 11.53 -0.50 7.26
C4B NAI D . 10.63 0.28 8.10
O4B NAI D . 10.28 -0.49 9.24
C3B NAI D . 11.28 1.51 8.63
O3B NAI D . 10.30 2.49 8.87
C2B NAI D . 11.83 1.07 9.86
O2B NAI D . 12.02 2.12 10.76
C1B NAI D . 10.80 0.12 10.37
N9A NAI D . 11.32 -0.88 11.30
C8A NAI D . 12.37 -1.69 11.07
N7A NAI D . 12.54 -2.48 12.13
C5A NAI D . 11.60 -2.19 13.06
C6A NAI D . 11.30 -2.70 14.33
N6A NAI D . 12.10 -3.72 14.86
N1A NAI D . 10.26 -2.18 15.00
C2A NAI D . 9.52 -1.19 14.45
N3A NAI D . 9.78 -0.68 13.24
C4A NAI D . 10.81 -1.17 12.52
O3 NAI D . 14.17 -0.29 5.79
PN NAI D . 14.57 -0.39 4.27
O1N NAI D . 13.53 -1.18 3.50
O2N NAI D . 15.98 -0.96 4.03
O5D NAI D . 14.58 1.16 3.95
C5D NAI D . 15.21 1.77 2.85
C4D NAI D . 15.46 3.25 2.89
O4D NAI D . 16.04 3.58 1.67
C3D NAI D . 14.21 4.04 2.95
O3D NAI D . 14.49 5.28 3.66
C2D NAI D . 13.90 4.34 1.63
O2D NAI D . 13.25 5.60 1.50
C1D NAI D . 15.22 4.45 1.00
N1N NAI D . 15.18 4.14 -0.44
C2N NAI D . 15.27 5.14 -1.34
C3N NAI D . 15.22 4.83 -2.68
C7N NAI D . 15.31 5.89 -3.67
O7N NAI D . 15.21 7.04 -3.32
N7N NAI D . 15.50 5.54 -5.10
C4N NAI D . 15.10 3.50 -3.09
C5N NAI D . 15.00 2.49 -2.13
C6N NAI D . 15.05 2.86 -0.81
#